data_8Z4O
#
_entry.id   8Z4O
#
loop_
_entity.id
_entity.type
_entity.pdbx_description
1 polymer 'Spike protein S2'
2 non-polymer 2-acetamido-2-deoxy-beta-D-glucopyranose
#
_entity_poly.entity_id   1
_entity_poly.type   'polypeptide(L)'
_entity_poly.pdbx_seq_one_letter_code
;SVPGEMRLASIAFNHPIQVDQLNSSYFKLSIPTNFSFGVTQEYIQTTIQKVTVDCKQYVCNGFQKCEQLLREYGQFCSKI
NQALHGANLRQDDSVRNLFASVKSSQSSPIIPGFGGDFNLTLLEPVSISTGSRSARSAIEDLLFDKVTIADPGYMQGYDD
CMQQGPASARDLICAQYVAGYKVLPPLMDVNMEAAYTSSLLGSIAGVGWTAGLSSFAAIPFAQSIFYRLNGVGITQQVLS
ENQKLIANKFNQALGAMQTGFTTTNEAFQKVQDAVNNNAQALSKLASELSNTFGAISASIGDIIQRLDVLEQDAQIDRLI
NGRLTTLNAFVAQQLVRSESAALSAQLAKDKVNECVKAQSKRSGFCGQGTHIVSFVVNAPNGLYFMHVGYYPSNHIEVVS
AYGLCDAANPTNCIAPVNGYFIKTNNTRIVDEWSYTGSSFYAPEPITSLNTKYVAPQVTYQNISTNLPPPLLGNSTGIDF
QDELDEFFKNVSTSIPNFGSLTQINTTLLDLTYEMLSLQQVVKALNESYIDLKELGNYT
;
_entity_poly.pdbx_strand_id   A,B,C
#
loop_
_chem_comp.id
_chem_comp.type
_chem_comp.name
_chem_comp.formula
NAG D-saccharide, beta linking 2-acetamido-2-deoxy-beta-D-glucopyranose 'C8 H15 N O6'
#
# COMPACT_ATOMS: atom_id res chain seq x y z
N VAL A 19 -15.04 26.14 -55.93
CA VAL A 19 -13.95 26.81 -55.17
C VAL A 19 -12.64 26.24 -55.65
N ASP A 20 -11.56 26.64 -55.01
CA ASP A 20 -10.24 26.07 -55.32
C ASP A 20 -9.60 25.78 -53.97
N GLN A 21 -10.07 24.73 -53.31
CA GLN A 21 -9.62 24.46 -51.94
C GLN A 21 -8.23 23.83 -51.95
N LEU A 22 -7.81 23.22 -50.84
CA LEU A 22 -6.43 22.69 -50.76
C LEU A 22 -6.24 21.71 -51.90
N ASN A 23 -7.24 20.88 -52.19
CA ASN A 23 -7.13 20.00 -53.39
C ASN A 23 -7.86 20.68 -54.54
N SER A 24 -7.91 20.03 -55.69
CA SER A 24 -8.56 20.66 -56.86
C SER A 24 -10.06 20.67 -56.68
N SER A 25 -10.76 21.39 -57.53
CA SER A 25 -12.22 21.52 -57.32
C SER A 25 -12.77 20.11 -57.30
N TYR A 26 -12.22 19.19 -58.10
CA TYR A 26 -12.80 17.85 -58.27
C TYR A 26 -12.73 16.97 -57.02
N PHE A 27 -13.85 16.40 -56.62
CA PHE A 27 -13.90 15.44 -55.49
C PHE A 27 -14.87 14.37 -55.97
N LYS A 28 -14.58 13.10 -55.78
CA LYS A 28 -15.46 12.06 -56.36
C LYS A 28 -16.40 11.53 -55.29
N LEU A 29 -17.72 11.52 -55.55
CA LEU A 29 -18.72 11.12 -54.52
C LEU A 29 -19.49 9.91 -55.01
N SER A 30 -19.91 9.06 -54.08
CA SER A 30 -20.76 7.90 -54.45
C SER A 30 -22.17 8.21 -53.96
N ILE A 31 -23.16 8.29 -54.84
CA ILE A 31 -24.54 8.71 -54.43
C ILE A 31 -25.45 7.51 -54.54
N PRO A 32 -26.32 7.21 -53.55
CA PRO A 32 -27.12 6.00 -53.58
C PRO A 32 -28.05 5.85 -54.77
N THR A 33 -28.06 4.68 -55.40
CA THR A 33 -29.01 4.44 -56.50
C THR A 33 -30.23 3.63 -56.03
N ASN A 34 -30.06 2.49 -55.33
CA ASN A 34 -31.21 1.71 -54.79
C ASN A 34 -30.99 1.36 -53.33
N PHE A 35 -32.05 1.39 -52.54
CA PHE A 35 -31.96 1.12 -51.08
C PHE A 35 -32.66 -0.21 -50.74
N SER A 36 -32.31 -0.88 -49.65
CA SER A 36 -32.95 -2.14 -49.21
C SER A 36 -33.31 -2.02 -47.75
N PHE A 37 -34.37 -2.67 -47.28
CA PHE A 37 -34.85 -2.48 -45.88
C PHE A 37 -33.92 -3.15 -44.89
N GLY A 38 -33.65 -2.52 -43.75
CA GLY A 38 -32.69 -3.09 -42.77
C GLY A 38 -33.17 -3.04 -41.34
N VAL A 39 -33.02 -4.12 -40.57
CA VAL A 39 -33.52 -4.20 -39.17
C VAL A 39 -32.32 -4.36 -38.27
N THR A 40 -32.18 -3.54 -37.23
CA THR A 40 -31.07 -3.71 -36.28
C THR A 40 -31.62 -3.97 -34.89
N GLN A 41 -31.17 -4.98 -34.16
CA GLN A 41 -31.63 -5.18 -32.76
C GLN A 41 -30.50 -4.72 -31.87
N GLU A 42 -30.70 -3.73 -31.02
CA GLU A 42 -29.56 -3.20 -30.25
C GLU A 42 -29.89 -3.17 -28.77
N TYR A 43 -28.97 -3.62 -27.90
CA TYR A 43 -29.15 -3.54 -26.43
C TYR A 43 -28.24 -2.44 -25.88
N ILE A 44 -28.79 -1.36 -25.37
CA ILE A 44 -27.95 -0.32 -24.74
C ILE A 44 -27.99 -0.62 -23.25
N GLN A 45 -26.87 -1.00 -22.60
CA GLN A 45 -26.91 -1.40 -21.17
C GLN A 45 -26.97 -0.17 -20.30
N THR A 46 -27.92 -0.13 -19.37
CA THR A 46 -28.10 1.04 -18.48
C THR A 46 -28.02 0.62 -17.00
N THR A 47 -27.50 -0.58 -16.70
CA THR A 47 -27.50 -1.07 -15.30
C THR A 47 -26.16 -1.64 -14.86
N ILE A 48 -25.61 -1.15 -13.75
CA ILE A 48 -24.38 -1.73 -13.13
C ILE A 48 -24.71 -1.84 -11.64
N GLN A 49 -24.85 -3.06 -11.10
CA GLN A 49 -25.29 -3.16 -9.69
C GLN A 49 -24.24 -2.52 -8.80
N LYS A 50 -24.65 -1.75 -7.79
CA LYS A 50 -23.66 -1.03 -6.95
C LYS A 50 -22.91 -2.06 -6.11
N VAL A 51 -21.67 -1.77 -5.73
CA VAL A 51 -20.90 -2.82 -5.00
C VAL A 51 -20.49 -2.34 -3.62
N THR A 52 -20.62 -3.24 -2.64
CA THR A 52 -20.18 -2.92 -1.27
C THR A 52 -18.95 -3.79 -0.98
N VAL A 53 -17.84 -3.20 -0.54
CA VAL A 53 -16.58 -3.98 -0.33
C VAL A 53 -16.46 -4.26 1.16
N ASP A 54 -16.53 -5.51 1.58
CA ASP A 54 -16.30 -5.80 3.01
C ASP A 54 -14.80 -6.06 3.12
N CYS A 55 -14.08 -5.05 3.54
CA CYS A 55 -12.60 -5.14 3.53
C CYS A 55 -12.12 -6.23 4.48
N LYS A 56 -12.73 -6.38 5.65
CA LYS A 56 -12.20 -7.47 6.50
C LYS A 56 -12.34 -8.80 5.73
N GLN A 57 -13.45 -9.03 5.04
CA GLN A 57 -13.64 -10.26 4.22
C GLN A 57 -12.78 -10.28 2.95
N TYR A 58 -12.79 -9.20 2.16
CA TYR A 58 -12.06 -9.24 0.87
C TYR A 58 -10.57 -9.27 1.14
N VAL A 59 -10.07 -8.31 1.92
CA VAL A 59 -8.60 -8.22 2.16
C VAL A 59 -8.18 -9.42 2.99
N CYS A 60 -9.01 -9.82 3.97
CA CYS A 60 -8.59 -10.92 4.88
C CYS A 60 -9.63 -12.05 4.90
N ASN A 61 -10.26 -12.34 6.04
CA ASN A 61 -11.23 -13.44 6.22
C ASN A 61 -10.44 -14.69 6.53
N GLY A 62 -9.12 -14.59 6.44
CA GLY A 62 -8.27 -15.78 6.60
C GLY A 62 -7.66 -15.89 7.99
N PHE A 63 -6.33 -16.06 8.06
CA PHE A 63 -5.68 -16.10 9.39
C PHE A 63 -6.15 -14.84 10.12
N GLN A 64 -6.63 -14.95 11.36
CA GLN A 64 -7.22 -13.80 12.08
C GLN A 64 -6.12 -12.77 12.26
N LYS A 65 -4.88 -13.19 12.00
CA LYS A 65 -3.77 -12.21 12.03
C LYS A 65 -4.15 -11.16 11.00
N CYS A 66 -4.63 -11.56 9.84
CA CYS A 66 -5.04 -10.49 8.90
C CYS A 66 -6.29 -9.77 9.41
N GLU A 67 -7.09 -10.42 10.24
CA GLU A 67 -8.24 -9.66 10.79
C GLU A 67 -7.77 -8.55 11.74
N GLN A 68 -6.90 -8.88 12.70
CA GLN A 68 -6.43 -7.88 13.70
C GLN A 68 -5.51 -6.87 13.02
N LEU A 69 -4.61 -7.35 12.16
CA LEU A 69 -3.62 -6.43 11.56
C LEU A 69 -4.36 -5.37 10.74
N LEU A 70 -5.40 -5.76 10.02
CA LEU A 70 -6.15 -4.81 9.16
C LEU A 70 -6.71 -3.70 10.05
N ARG A 71 -7.10 -4.02 11.29
CA ARG A 71 -7.72 -3.01 12.18
C ARG A 71 -6.72 -1.86 12.35
N GLU A 72 -5.44 -2.18 12.44
CA GLU A 72 -4.48 -1.06 12.52
C GLU A 72 -4.61 -0.22 11.25
N TYR A 73 -4.84 -0.83 10.08
CA TYR A 73 -4.80 -0.06 8.81
C TYR A 73 -5.85 1.04 8.87
N GLY A 74 -6.94 0.80 9.57
CA GLY A 74 -7.86 1.93 9.79
C GLY A 74 -9.11 1.99 8.96
N GLN A 75 -9.41 3.17 8.40
CA GLN A 75 -10.69 3.38 7.68
C GLN A 75 -10.51 3.30 6.17
N PHE A 76 -9.58 2.48 5.69
CA PHE A 76 -9.45 2.31 4.23
C PHE A 76 -10.81 1.85 3.72
N CYS A 77 -11.47 0.95 4.46
CA CYS A 77 -12.77 0.43 4.01
C CYS A 77 -13.80 1.55 3.96
N SER A 78 -13.80 2.43 4.95
CA SER A 78 -14.87 3.44 4.93
C SER A 78 -14.70 4.35 3.71
N LYS A 79 -13.48 4.84 3.48
CA LYS A 79 -13.33 5.81 2.37
C LYS A 79 -13.57 5.12 1.01
N ILE A 80 -13.05 3.91 0.81
CA ILE A 80 -13.19 3.31 -0.53
C ILE A 80 -14.68 3.18 -0.76
N ASN A 81 -15.43 2.79 0.26
CA ASN A 81 -16.89 2.62 0.11
C ASN A 81 -17.55 3.96 -0.21
N GLN A 82 -17.04 5.06 0.35
CA GLN A 82 -17.64 6.35 -0.05
C GLN A 82 -17.47 6.55 -1.55
N ALA A 83 -16.29 6.28 -2.09
CA ALA A 83 -16.09 6.56 -3.53
C ALA A 83 -17.00 5.67 -4.37
N LEU A 84 -17.05 4.37 -4.07
CA LEU A 84 -17.89 3.42 -4.85
C LEU A 84 -19.37 3.76 -4.64
N HIS A 85 -19.80 4.14 -3.43
CA HIS A 85 -21.21 4.53 -3.16
C HIS A 85 -21.52 5.80 -3.92
N GLY A 86 -20.50 6.58 -4.25
CA GLY A 86 -20.75 7.76 -5.08
C GLY A 86 -21.36 7.27 -6.37
N ALA A 87 -20.90 6.14 -6.89
CA ALA A 87 -21.56 5.55 -8.07
C ALA A 87 -22.77 4.74 -7.59
N THR A 235 81.47 -34.57 91.81
CA THR A 235 80.73 -35.32 90.76
C THR A 235 79.23 -35.31 91.07
N GLN A 236 78.85 -35.46 92.34
CA GLN A 236 77.39 -35.56 92.67
C GLN A 236 76.66 -34.27 92.29
N GLN A 237 77.16 -33.12 92.75
CA GLN A 237 76.49 -31.81 92.46
C GLN A 237 76.54 -31.56 90.96
N VAL A 238 77.68 -31.88 90.34
CA VAL A 238 77.85 -31.68 88.87
C VAL A 238 76.85 -32.60 88.14
N LEU A 239 76.62 -33.82 88.65
CA LEU A 239 75.69 -34.77 87.98
C LEU A 239 74.28 -34.19 87.96
N SER A 240 73.83 -33.62 89.09
CA SER A 240 72.50 -32.97 89.12
C SER A 240 72.52 -31.79 88.16
N GLU A 241 73.64 -31.05 88.14
CA GLU A 241 73.78 -29.90 87.21
C GLU A 241 73.73 -30.41 85.76
N ASN A 242 74.30 -31.59 85.49
CA ASN A 242 74.35 -32.12 84.11
C ASN A 242 72.92 -32.17 83.58
N GLN A 243 72.05 -32.93 84.25
CA GLN A 243 70.63 -33.03 83.84
C GLN A 243 70.00 -31.64 83.95
N LYS A 244 70.34 -30.88 84.99
CA LYS A 244 69.74 -29.54 85.21
C LYS A 244 70.09 -28.62 84.04
N LEU A 245 71.32 -28.70 83.52
CA LEU A 245 71.72 -27.87 82.36
C LEU A 245 70.85 -28.25 81.15
N ILE A 246 70.68 -29.56 80.93
CA ILE A 246 69.78 -30.02 79.84
C ILE A 246 68.36 -29.57 80.20
N ALA A 247 68.01 -29.65 81.49
CA ALA A 247 66.67 -29.23 81.96
C ALA A 247 66.50 -27.72 81.73
N ASN A 248 67.55 -26.93 81.94
CA ASN A 248 67.48 -25.47 81.65
C ASN A 248 67.19 -25.29 80.16
N LYS A 249 67.88 -26.07 79.32
CA LYS A 249 67.59 -26.03 77.87
C LYS A 249 66.15 -26.51 77.69
N PHE A 250 65.77 -27.54 78.45
CA PHE A 250 64.39 -28.09 78.38
C PHE A 250 63.42 -26.99 78.79
N ASN A 251 63.79 -26.16 79.76
CA ASN A 251 62.81 -25.15 80.25
C ASN A 251 62.49 -24.24 79.07
N GLN A 252 63.53 -23.79 78.35
CA GLN A 252 63.31 -22.93 77.16
C GLN A 252 62.59 -23.74 76.11
N ALA A 253 63.00 -25.00 75.91
CA ALA A 253 62.40 -25.84 74.86
C ALA A 253 60.92 -26.05 75.17
N LEU A 254 60.61 -26.32 76.45
CA LEU A 254 59.21 -26.60 76.82
C LEU A 254 58.39 -25.35 76.54
N GLY A 255 58.90 -24.19 76.97
CA GLY A 255 58.16 -22.93 76.77
C GLY A 255 58.05 -22.65 75.29
N ALA A 256 59.14 -22.88 74.56
CA ALA A 256 59.14 -22.61 73.10
C ALA A 256 58.11 -23.52 72.45
N MET A 257 58.03 -24.78 72.90
CA MET A 257 57.11 -25.72 72.22
C MET A 257 55.70 -25.16 72.35
N GLN A 258 55.35 -24.64 73.54
CA GLN A 258 54.01 -24.02 73.69
C GLN A 258 53.94 -22.80 72.79
N THR A 259 55.03 -22.02 72.73
CA THR A 259 54.98 -20.76 71.95
C THR A 259 54.73 -21.08 70.47
N GLY A 260 55.41 -22.10 69.95
CA GLY A 260 55.17 -22.49 68.56
C GLY A 260 53.75 -22.97 68.41
N PHE A 261 53.29 -23.75 69.38
CA PHE A 261 51.89 -24.26 69.35
C PHE A 261 50.96 -23.04 69.41
N THR A 262 51.33 -22.03 70.20
CA THR A 262 50.44 -20.87 70.36
C THR A 262 50.31 -20.20 69.00
N THR A 263 51.43 -20.08 68.29
CA THR A 263 51.35 -19.51 66.93
C THR A 263 50.48 -20.46 66.10
N THR A 264 50.67 -21.77 66.29
CA THR A 264 49.92 -22.74 65.46
C THR A 264 48.44 -22.52 65.72
N ASN A 265 48.10 -22.35 67.00
CA ASN A 265 46.69 -22.14 67.35
C ASN A 265 46.21 -20.85 66.70
N GLU A 266 47.02 -19.79 66.82
CA GLU A 266 46.57 -18.48 66.30
C GLU A 266 46.42 -18.58 64.79
N ALA A 267 47.42 -19.15 64.14
CA ALA A 267 47.38 -19.20 62.65
C ALA A 267 46.24 -20.10 62.18
N PHE A 268 46.11 -21.28 62.76
CA PHE A 268 45.07 -22.20 62.25
C PHE A 268 43.71 -21.55 62.50
N GLN A 269 43.58 -20.91 63.66
CA GLN A 269 42.32 -20.19 63.96
C GLN A 269 42.14 -19.11 62.90
N LYS A 270 43.21 -18.36 62.64
CA LYS A 270 43.13 -17.26 61.66
C LYS A 270 42.76 -17.89 60.31
N VAL A 271 43.37 -19.02 60.00
CA VAL A 271 43.11 -19.69 58.70
C VAL A 271 41.64 -20.08 58.66
N GLN A 272 41.09 -20.58 59.77
CA GLN A 272 39.70 -21.11 59.72
C GLN A 272 38.75 -20.00 59.34
N ASP A 273 38.90 -18.85 59.96
CA ASP A 273 37.93 -17.76 59.67
C ASP A 273 38.13 -17.40 58.20
N ALA A 274 39.40 -17.30 57.78
CA ALA A 274 39.66 -16.86 56.40
C ALA A 274 39.15 -17.89 55.40
N VAL A 275 39.42 -19.17 55.66
CA VAL A 275 38.99 -20.16 54.64
C VAL A 275 37.48 -20.11 54.62
N ASN A 276 36.87 -19.98 55.80
CA ASN A 276 35.40 -19.86 55.86
C ASN A 276 34.99 -18.56 55.16
N ASN A 277 35.78 -17.50 55.31
CA ASN A 277 35.46 -16.24 54.60
C ASN A 277 35.46 -16.53 53.10
N ASN A 278 36.44 -17.31 52.66
CA ASN A 278 36.49 -17.70 51.23
C ASN A 278 35.24 -18.50 50.92
N ALA A 279 34.84 -19.38 51.84
CA ALA A 279 33.69 -20.27 51.55
C ALA A 279 32.45 -19.42 51.31
N GLN A 280 32.23 -18.44 52.17
CA GLN A 280 31.03 -17.59 52.02
C GLN A 280 31.19 -16.89 50.68
N ALA A 281 32.42 -16.47 50.39
CA ALA A 281 32.60 -15.69 49.16
C ALA A 281 32.17 -16.60 48.01
N LEU A 282 32.64 -17.84 48.02
CA LEU A 282 32.32 -18.70 46.88
C LEU A 282 30.81 -18.92 46.88
N SER A 283 30.24 -19.20 48.06
CA SER A 283 28.80 -19.53 48.08
C SER A 283 27.95 -18.36 47.62
N LYS A 284 28.23 -17.16 48.15
CA LYS A 284 27.35 -16.03 47.81
C LYS A 284 27.48 -15.72 46.33
N LEU A 285 28.72 -15.70 45.85
CA LEU A 285 28.88 -15.29 44.44
C LEU A 285 28.14 -16.29 43.59
N ALA A 286 28.26 -17.57 43.92
CA ALA A 286 27.65 -18.58 43.04
C ALA A 286 26.13 -18.39 43.02
N SER A 287 25.54 -18.17 44.19
CA SER A 287 24.07 -18.08 44.22
C SER A 287 23.63 -16.88 43.39
N GLU A 288 24.29 -15.74 43.62
CA GLU A 288 23.92 -14.52 42.87
C GLU A 288 24.18 -14.83 41.40
N LEU A 289 25.26 -15.56 41.12
CA LEU A 289 25.56 -15.78 39.70
C LEU A 289 24.37 -16.51 39.11
N SER A 290 23.84 -17.49 39.83
CA SER A 290 22.74 -18.28 39.23
C SER A 290 21.54 -17.37 38.96
N ASN A 291 21.20 -16.52 39.93
CA ASN A 291 19.98 -15.69 39.75
C ASN A 291 20.20 -14.74 38.57
N THR A 292 21.38 -14.15 38.45
CA THR A 292 21.53 -13.15 37.37
C THR A 292 21.33 -13.88 36.05
N PHE A 293 21.89 -15.07 35.91
CA PHE A 293 21.81 -15.77 34.62
C PHE A 293 20.35 -16.07 34.31
N GLY A 294 19.58 -16.50 35.31
CA GLY A 294 18.19 -16.87 35.01
C GLY A 294 17.49 -15.64 34.50
N ALA A 295 17.79 -14.50 35.12
CA ALA A 295 17.22 -13.23 34.64
C ALA A 295 17.76 -12.92 33.24
N ILE A 296 19.04 -13.23 32.97
CA ILE A 296 19.52 -12.96 31.59
C ILE A 296 18.61 -13.79 30.69
N SER A 297 18.33 -15.03 31.09
CA SER A 297 17.49 -15.89 30.23
C SER A 297 16.12 -15.25 30.11
N ALA A 298 15.59 -14.68 31.19
CA ALA A 298 14.22 -14.14 31.10
C ALA A 298 14.23 -12.99 30.11
N SER A 299 15.18 -12.07 30.25
CA SER A 299 15.13 -10.90 29.35
C SER A 299 15.38 -11.37 27.92
N ILE A 300 16.38 -12.21 27.74
CA ILE A 300 16.75 -12.66 26.37
C ILE A 300 15.57 -13.47 25.82
N GLY A 301 14.95 -14.31 26.65
CA GLY A 301 13.87 -15.18 26.13
C GLY A 301 12.71 -14.35 25.63
N ASP A 302 12.31 -13.35 26.41
CA ASP A 302 11.13 -12.56 25.99
C ASP A 302 11.50 -11.79 24.73
N ILE A 303 12.73 -11.29 24.65
CA ILE A 303 13.11 -10.46 23.48
C ILE A 303 12.92 -11.32 22.26
N ILE A 304 13.35 -12.58 22.33
CA ILE A 304 13.29 -13.43 21.11
C ILE A 304 11.82 -13.57 20.72
N GLN A 305 10.93 -13.85 21.68
CA GLN A 305 9.52 -14.08 21.29
C GLN A 305 8.97 -12.78 20.72
N ARG A 306 9.28 -11.65 21.34
CA ARG A 306 8.81 -10.35 20.82
C ARG A 306 9.42 -10.15 19.42
N LEU A 307 10.67 -10.57 19.24
CA LEU A 307 11.30 -10.46 17.90
C LEU A 307 10.49 -11.32 16.95
N ASP A 308 10.10 -12.52 17.41
CA ASP A 308 9.40 -13.42 16.46
C ASP A 308 8.07 -12.81 16.03
N VAL A 309 7.31 -12.23 16.96
CA VAL A 309 5.98 -11.72 16.53
C VAL A 309 6.28 -10.64 15.48
N LEU A 310 7.31 -9.82 15.72
CA LEU A 310 7.62 -8.72 14.79
C LEU A 310 7.98 -9.28 13.41
N GLU A 311 8.81 -10.31 13.33
CA GLU A 311 9.11 -10.91 12.00
C GLU A 311 7.88 -11.56 11.37
N GLN A 312 7.09 -12.32 12.15
CA GLN A 312 5.89 -13.03 11.60
C GLN A 312 4.85 -12.01 11.16
N ASP A 313 4.67 -10.96 11.94
CA ASP A 313 3.66 -9.94 11.60
C ASP A 313 4.05 -9.28 10.28
N ALA A 314 5.33 -9.06 10.05
CA ALA A 314 5.67 -8.33 8.81
C ALA A 314 5.16 -9.10 7.60
N GLN A 315 5.32 -10.41 7.56
CA GLN A 315 4.89 -11.09 6.30
C GLN A 315 3.38 -10.93 6.13
N ILE A 316 2.63 -11.05 7.23
CA ILE A 316 1.17 -10.84 7.13
C ILE A 316 0.99 -9.40 6.68
N ASP A 317 1.81 -8.49 7.17
CA ASP A 317 1.72 -7.09 6.67
C ASP A 317 2.04 -7.01 5.18
N ARG A 318 3.05 -7.71 4.68
CA ARG A 318 3.29 -7.55 3.23
C ARG A 318 2.08 -8.12 2.50
N LEU A 319 1.57 -9.29 2.88
CA LEU A 319 0.44 -9.82 2.07
C LEU A 319 -0.77 -8.90 2.21
N ILE A 320 -1.10 -8.43 3.41
CA ILE A 320 -2.34 -7.61 3.51
C ILE A 320 -2.10 -6.44 2.60
N ASN A 321 -0.93 -5.82 2.64
CA ASN A 321 -0.76 -4.59 1.81
C ASN A 321 -0.80 -4.99 0.34
N GLY A 322 -0.41 -6.22 0.03
CA GLY A 322 -0.51 -6.70 -1.36
C GLY A 322 -1.93 -6.82 -1.85
N ARG A 323 -2.80 -7.43 -1.06
CA ARG A 323 -4.21 -7.57 -1.44
C ARG A 323 -4.84 -6.18 -1.51
N LEU A 324 -4.49 -5.29 -0.58
CA LEU A 324 -5.04 -3.92 -0.58
C LEU A 324 -4.62 -3.22 -1.88
N THR A 325 -3.42 -3.44 -2.40
CA THR A 325 -3.10 -2.80 -3.69
C THR A 325 -4.06 -3.23 -4.78
N THR A 326 -4.49 -4.50 -4.81
CA THR A 326 -5.43 -5.00 -5.85
C THR A 326 -6.81 -4.41 -5.61
N LEU A 327 -7.22 -4.19 -4.36
CA LEU A 327 -8.52 -3.52 -4.13
C LEU A 327 -8.46 -2.13 -4.75
N ASN A 328 -7.38 -1.37 -4.59
CA ASN A 328 -7.42 0.01 -5.13
C ASN A 328 -7.64 -0.07 -6.64
N ALA A 329 -6.97 -1.00 -7.33
CA ALA A 329 -7.14 -1.18 -8.79
C ALA A 329 -8.51 -1.72 -9.12
N PHE A 330 -9.01 -2.70 -8.37
CA PHE A 330 -10.40 -3.14 -8.64
C PHE A 330 -11.41 -2.04 -8.28
N VAL A 331 -11.24 -1.27 -7.20
CA VAL A 331 -12.21 -0.16 -6.97
C VAL A 331 -12.08 0.80 -8.14
N ALA A 332 -10.89 1.03 -8.65
CA ALA A 332 -10.82 1.88 -9.87
C ALA A 332 -11.55 1.22 -11.04
N GLN A 333 -11.39 -0.09 -11.28
CA GLN A 333 -12.18 -0.61 -12.42
C GLN A 333 -13.67 -0.50 -12.12
N GLN A 334 -14.12 -0.82 -10.93
CA GLN A 334 -15.58 -0.67 -10.74
C GLN A 334 -15.92 0.81 -10.87
N LEU A 335 -15.08 1.74 -10.43
CA LEU A 335 -15.46 3.17 -10.63
C LEU A 335 -15.51 3.58 -12.12
N VAL A 336 -14.54 3.18 -12.94
CA VAL A 336 -14.55 3.49 -14.39
C VAL A 336 -15.70 2.79 -15.11
N ARG A 337 -16.00 1.54 -14.77
CA ARG A 337 -17.18 0.87 -15.39
C ARG A 337 -18.44 1.65 -15.03
N SER A 338 -18.57 2.10 -13.78
CA SER A 338 -19.85 2.78 -13.44
C SER A 338 -20.05 4.06 -14.24
N GLU A 339 -19.04 4.93 -14.36
CA GLU A 339 -19.29 6.14 -15.18
C GLU A 339 -19.55 5.73 -16.62
N SER A 340 -18.83 4.73 -17.11
CA SER A 340 -18.98 4.37 -18.54
C SER A 340 -20.42 3.96 -18.78
N ALA A 341 -21.02 3.20 -17.88
CA ALA A 341 -22.45 2.87 -18.05
C ALA A 341 -23.27 4.16 -17.98
N ALA A 342 -22.90 5.11 -17.12
CA ALA A 342 -23.72 6.32 -17.00
C ALA A 342 -23.73 7.11 -18.31
N LEU A 343 -22.62 7.22 -19.00
CA LEU A 343 -22.67 7.89 -20.31
C LEU A 343 -23.59 7.06 -21.19
N SER A 344 -23.53 5.73 -21.07
CA SER A 344 -24.35 4.87 -21.95
C SER A 344 -25.82 5.13 -21.73
N ALA A 345 -26.24 5.43 -20.52
CA ALA A 345 -27.66 5.76 -20.36
C ALA A 345 -27.99 7.06 -21.10
N GLN A 346 -27.07 8.02 -21.20
CA GLN A 346 -27.39 9.21 -22.02
C GLN A 346 -27.57 8.79 -23.47
N LEU A 347 -26.75 7.87 -23.97
CA LEU A 347 -27.00 7.40 -25.35
C LEU A 347 -28.40 6.80 -25.36
N ALA A 348 -28.74 5.98 -24.36
CA ALA A 348 -30.06 5.32 -24.36
C ALA A 348 -31.17 6.37 -24.26
N LYS A 349 -31.01 7.38 -23.39
CA LYS A 349 -32.03 8.45 -23.34
C LYS A 349 -32.04 9.13 -24.70
N ASP A 350 -30.88 9.38 -25.27
CA ASP A 350 -30.89 10.11 -26.55
C ASP A 350 -31.60 9.25 -27.58
N LYS A 351 -31.27 7.98 -27.69
CA LYS A 351 -31.92 7.23 -28.76
C LYS A 351 -33.42 7.20 -28.45
N VAL A 352 -33.82 7.05 -27.20
CA VAL A 352 -35.29 6.90 -26.95
C VAL A 352 -35.99 8.16 -27.43
N ASN A 353 -35.47 9.35 -27.11
CA ASN A 353 -36.10 10.62 -27.55
C ASN A 353 -35.96 10.90 -29.04
N GLU A 354 -34.81 10.59 -29.65
CA GLU A 354 -34.58 10.96 -31.08
C GLU A 354 -34.77 9.77 -31.99
N CYS A 355 -35.22 8.63 -31.47
CA CYS A 355 -35.52 7.46 -32.35
C CYS A 355 -36.90 6.88 -32.05
N VAL A 356 -37.12 6.28 -30.90
CA VAL A 356 -38.43 5.62 -30.69
C VAL A 356 -39.54 6.65 -30.75
N LYS A 357 -39.35 7.82 -30.17
CA LYS A 357 -40.47 8.82 -30.08
C LYS A 357 -40.54 9.71 -31.32
N ALA A 358 -39.57 9.64 -32.23
CA ALA A 358 -39.71 10.42 -33.48
C ALA A 358 -38.85 9.87 -34.61
N GLN A 359 -39.20 10.16 -35.86
CA GLN A 359 -38.33 9.76 -37.01
C GLN A 359 -37.05 10.58 -36.90
N SER A 360 -35.88 10.01 -37.18
CA SER A 360 -34.61 10.75 -36.97
C SER A 360 -33.96 11.08 -38.30
N LYS A 361 -33.73 12.36 -38.57
CA LYS A 361 -33.11 12.78 -39.85
C LYS A 361 -31.67 12.24 -39.93
N ARG A 362 -30.90 12.26 -38.83
CA ARG A 362 -29.48 11.84 -38.90
C ARG A 362 -29.40 10.33 -39.16
N SER A 363 -28.59 9.91 -40.13
CA SER A 363 -28.38 8.46 -40.39
C SER A 363 -27.53 7.89 -39.27
N GLY A 364 -27.56 6.61 -39.00
CA GLY A 364 -26.62 6.11 -37.98
C GLY A 364 -27.23 6.03 -36.60
N PHE A 365 -28.10 6.96 -36.23
CA PHE A 365 -28.80 6.83 -34.92
C PHE A 365 -30.02 5.97 -35.18
N CYS A 366 -29.85 4.65 -35.13
CA CYS A 366 -30.95 3.66 -35.31
C CYS A 366 -31.05 3.19 -36.76
N GLY A 367 -30.23 2.22 -37.13
CA GLY A 367 -30.33 1.61 -38.46
C GLY A 367 -29.36 2.20 -39.44
N GLN A 368 -28.69 1.37 -40.24
CA GLN A 368 -27.85 1.95 -41.30
C GLN A 368 -28.83 2.58 -42.26
N GLY A 369 -28.53 3.74 -42.83
CA GLY A 369 -29.53 4.37 -43.70
C GLY A 369 -30.56 5.07 -42.86
N THR A 370 -31.61 5.62 -43.45
CA THR A 370 -32.54 6.44 -42.65
C THR A 370 -33.41 5.54 -41.77
N HIS A 371 -34.17 6.11 -40.84
CA HIS A 371 -35.03 5.32 -39.91
C HIS A 371 -36.51 5.52 -40.27
N ILE A 372 -37.31 4.45 -40.39
CA ILE A 372 -38.74 4.54 -40.78
C ILE A 372 -39.63 4.09 -39.63
N VAL A 373 -39.08 3.69 -38.49
CA VAL A 373 -39.86 3.40 -37.25
C VAL A 373 -38.89 2.80 -36.26
N SER A 374 -39.20 2.77 -34.97
CA SER A 374 -38.33 2.03 -34.02
C SER A 374 -39.15 1.63 -32.79
N PHE A 375 -38.95 0.47 -32.22
CA PHE A 375 -39.73 0.16 -31.01
C PHE A 375 -38.77 -0.30 -29.93
N VAL A 376 -38.74 0.34 -28.76
CA VAL A 376 -37.88 -0.16 -27.65
C VAL A 376 -38.65 -1.25 -26.92
N VAL A 377 -37.99 -2.03 -26.08
CA VAL A 377 -38.70 -2.99 -25.20
C VAL A 377 -37.76 -3.15 -24.03
N ASN A 378 -38.22 -3.13 -22.78
CA ASN A 378 -37.22 -3.23 -21.68
C ASN A 378 -36.60 -4.64 -21.70
N ALA A 379 -35.31 -4.77 -21.39
CA ALA A 379 -34.63 -6.08 -21.49
C ALA A 379 -33.94 -6.35 -20.16
N PRO A 380 -33.20 -7.48 -19.93
CA PRO A 380 -32.72 -7.81 -18.58
C PRO A 380 -32.01 -6.73 -17.78
N ASN A 381 -31.05 -6.01 -18.34
CA ASN A 381 -30.48 -4.88 -17.57
C ASN A 381 -30.60 -3.60 -18.36
N GLY A 382 -30.92 -3.69 -19.66
CA GLY A 382 -30.93 -2.47 -20.49
C GLY A 382 -31.97 -2.55 -21.57
N LEU A 383 -32.22 -1.45 -22.26
CA LEU A 383 -33.32 -1.42 -23.25
C LEU A 383 -32.87 -2.12 -24.53
N TYR A 384 -33.68 -3.02 -25.09
CA TYR A 384 -33.36 -3.69 -26.38
C TYR A 384 -34.20 -3.02 -27.45
N PHE A 385 -33.58 -2.32 -28.39
CA PHE A 385 -34.35 -1.53 -29.37
C PHE A 385 -34.36 -2.21 -30.72
N MET A 386 -35.51 -2.57 -31.25
CA MET A 386 -35.50 -3.10 -32.62
C MET A 386 -35.82 -1.91 -33.50
N HIS A 387 -34.94 -1.53 -34.42
CA HIS A 387 -35.15 -0.35 -35.29
C HIS A 387 -35.36 -0.84 -36.71
N VAL A 388 -36.16 -0.20 -37.53
CA VAL A 388 -36.30 -0.61 -38.95
C VAL A 388 -36.04 0.59 -39.84
N GLY A 389 -35.15 0.51 -40.84
CA GLY A 389 -34.98 1.65 -41.76
C GLY A 389 -34.41 1.27 -43.12
N TYR A 390 -34.58 2.13 -44.14
CA TYR A 390 -33.99 1.87 -45.47
C TYR A 390 -32.47 2.11 -45.45
N TYR A 391 -31.66 1.28 -46.13
CA TYR A 391 -30.18 1.41 -46.16
C TYR A 391 -29.67 1.35 -47.60
N PRO A 392 -28.69 2.14 -48.05
CA PRO A 392 -28.28 2.13 -49.46
C PRO A 392 -27.65 0.82 -49.96
N SER A 393 -27.84 0.48 -51.25
CA SER A 393 -27.34 -0.84 -51.74
C SER A 393 -26.30 -0.71 -52.85
N ASN A 394 -26.61 -0.06 -53.96
CA ASN A 394 -25.56 0.13 -54.98
C ASN A 394 -25.31 1.62 -55.16
N HIS A 395 -24.08 2.07 -55.06
CA HIS A 395 -23.86 3.53 -55.11
C HIS A 395 -23.19 3.95 -56.42
N ILE A 396 -23.84 4.82 -57.22
CA ILE A 396 -23.24 5.34 -58.50
C ILE A 396 -22.18 6.36 -58.13
N GLU A 397 -21.18 6.55 -58.99
CA GLU A 397 -20.06 7.47 -58.66
C GLU A 397 -19.98 8.57 -59.72
N VAL A 398 -19.79 9.82 -59.32
CA VAL A 398 -19.62 10.84 -60.38
C VAL A 398 -18.63 11.93 -59.93
N VAL A 399 -17.91 12.56 -60.86
CA VAL A 399 -17.02 13.70 -60.52
C VAL A 399 -17.96 14.72 -59.95
N SER A 400 -17.64 15.32 -58.83
CA SER A 400 -18.53 16.40 -58.35
C SER A 400 -17.67 17.56 -57.90
N ALA A 401 -18.23 18.75 -57.76
CA ALA A 401 -17.37 19.91 -57.45
C ALA A 401 -17.60 20.37 -56.01
N TYR A 402 -16.51 20.69 -55.28
CA TYR A 402 -16.68 21.02 -53.85
C TYR A 402 -17.74 22.11 -53.88
N GLY A 403 -17.63 22.98 -54.88
CA GLY A 403 -18.60 24.08 -55.04
C GLY A 403 -18.43 24.71 -56.39
N LEU A 404 -19.41 25.46 -56.85
CA LEU A 404 -19.27 25.97 -58.22
C LEU A 404 -19.33 27.49 -58.19
N CYS A 405 -18.42 28.14 -58.90
CA CYS A 405 -18.36 29.63 -58.88
C CYS A 405 -18.90 30.22 -60.17
N ASP A 406 -18.23 31.27 -60.66
CA ASP A 406 -18.63 31.96 -61.91
C ASP A 406 -17.79 31.38 -63.06
N ALA A 407 -17.17 30.22 -62.85
CA ALA A 407 -16.35 29.54 -63.90
C ALA A 407 -15.30 30.51 -64.40
N ALA A 408 -14.68 31.24 -63.48
CA ALA A 408 -13.64 32.23 -63.83
C ALA A 408 -12.93 32.59 -62.53
N ASN A 409 -12.18 33.70 -62.52
CA ASN A 409 -11.60 34.18 -61.24
C ASN A 409 -12.85 34.37 -60.36
N PRO A 410 -12.91 33.83 -59.13
CA PRO A 410 -14.16 33.88 -58.38
C PRO A 410 -14.58 35.23 -57.77
N THR A 411 -15.77 35.71 -58.14
CA THR A 411 -16.32 36.94 -57.50
C THR A 411 -17.39 36.51 -56.50
N ASN A 412 -18.32 35.65 -56.92
CA ASN A 412 -19.36 35.10 -56.01
C ASN A 412 -19.63 33.70 -56.51
N CYS A 413 -20.02 32.77 -55.64
CA CYS A 413 -20.16 31.38 -56.12
C CYS A 413 -21.44 30.71 -55.63
N ILE A 414 -21.82 29.61 -56.25
CA ILE A 414 -23.03 28.86 -55.83
C ILE A 414 -22.56 27.64 -55.07
N ALA A 415 -23.21 27.33 -53.96
CA ALA A 415 -22.78 26.21 -53.11
C ALA A 415 -23.95 25.24 -52.99
N PRO A 416 -23.75 23.94 -53.22
CA PRO A 416 -24.84 23.01 -53.14
C PRO A 416 -25.50 23.06 -51.78
N VAL A 417 -26.83 23.13 -51.72
CA VAL A 417 -27.56 23.10 -50.43
C VAL A 417 -28.48 21.89 -50.40
N ASN A 418 -28.28 20.98 -49.46
CA ASN A 418 -29.11 19.75 -49.31
C ASN A 418 -28.67 18.70 -50.31
N GLY A 419 -27.71 19.02 -51.17
CA GLY A 419 -27.21 17.97 -52.07
C GLY A 419 -25.94 18.37 -52.78
N TYR A 420 -25.15 17.41 -53.24
CA TYR A 420 -23.87 17.70 -53.90
C TYR A 420 -24.16 18.24 -55.31
N PHE A 421 -23.24 18.99 -55.96
CA PHE A 421 -23.41 19.46 -57.37
C PHE A 421 -22.59 18.51 -58.25
N ILE A 422 -23.18 17.89 -59.27
CA ILE A 422 -22.46 16.84 -60.03
C ILE A 422 -22.29 17.21 -61.49
N LYS A 423 -21.40 16.52 -62.18
CA LYS A 423 -21.19 16.79 -63.60
C LYS A 423 -21.65 15.55 -64.36
N THR A 424 -22.43 15.75 -65.42
CA THR A 424 -23.01 14.60 -66.17
C THR A 424 -21.92 13.98 -67.05
N ASN A 425 -22.24 12.87 -67.74
CA ASN A 425 -21.28 12.26 -68.68
C ASN A 425 -21.57 12.77 -70.09
N GLU A 432 -19.93 21.63 -67.60
CA GLU A 432 -21.40 21.65 -67.32
C GLU A 432 -21.62 21.20 -65.88
N TRP A 433 -22.69 21.64 -65.22
CA TRP A 433 -22.96 21.10 -63.86
C TRP A 433 -24.46 20.93 -63.64
N SER A 434 -24.89 19.89 -62.94
CA SER A 434 -26.31 19.65 -62.61
C SER A 434 -26.46 19.26 -61.14
N TYR A 435 -27.44 19.84 -60.43
CA TYR A 435 -27.60 19.56 -58.98
C TYR A 435 -28.24 18.21 -58.73
N THR A 436 -28.04 17.64 -57.54
CA THR A 436 -28.65 16.34 -57.16
C THR A 436 -28.83 16.33 -55.65
N GLY A 437 -29.74 15.53 -55.13
CA GLY A 437 -29.94 15.39 -53.68
C GLY A 437 -28.95 14.41 -53.10
N SER A 438 -28.85 14.31 -51.78
CA SER A 438 -27.95 13.29 -51.21
C SER A 438 -28.56 11.92 -51.42
N SER A 439 -29.88 11.81 -51.34
CA SER A 439 -30.54 10.48 -51.42
C SER A 439 -30.46 9.81 -52.78
N PHE A 440 -30.69 10.54 -53.86
CA PHE A 440 -30.74 9.87 -55.18
C PHE A 440 -29.94 10.62 -56.23
N TYR A 441 -29.38 9.89 -57.20
CA TYR A 441 -28.69 10.57 -58.30
C TYR A 441 -29.84 11.01 -59.18
N ALA A 442 -30.60 11.98 -58.71
CA ALA A 442 -31.71 12.53 -59.54
C ALA A 442 -31.24 13.86 -60.10
N PRO A 443 -30.70 13.91 -61.32
CA PRO A 443 -30.15 15.15 -61.80
C PRO A 443 -31.26 16.18 -62.03
N GLU A 444 -31.02 17.42 -61.60
CA GLU A 444 -31.99 18.53 -61.80
C GLU A 444 -31.17 19.77 -62.11
N PRO A 445 -31.60 20.72 -62.96
CA PRO A 445 -30.72 21.85 -63.26
C PRO A 445 -30.46 22.71 -62.01
N ILE A 446 -29.26 23.26 -61.88
CA ILE A 446 -28.90 24.11 -60.71
C ILE A 446 -29.79 25.35 -60.77
N THR A 447 -30.45 25.66 -59.66
CA THR A 447 -31.37 26.82 -59.63
C THR A 447 -31.33 27.44 -58.25
N SER A 448 -31.99 28.56 -58.05
CA SER A 448 -31.91 29.27 -56.76
C SER A 448 -32.49 28.40 -55.64
N LEU A 449 -33.35 27.44 -55.96
CA LEU A 449 -33.84 26.50 -54.90
C LEU A 449 -32.69 25.67 -54.32
N ASN A 450 -31.76 25.18 -55.14
CA ASN A 450 -30.71 24.27 -54.63
C ASN A 450 -29.43 25.00 -54.19
N THR A 451 -29.35 26.33 -54.28
CA THR A 451 -28.06 26.99 -53.97
C THR A 451 -28.19 28.17 -53.00
N LYS A 452 -27.37 28.20 -51.96
CA LYS A 452 -27.36 29.41 -51.10
C LYS A 452 -26.09 30.13 -51.52
N TYR A 453 -26.15 31.39 -51.98
CA TYR A 453 -24.92 32.00 -52.54
C TYR A 453 -23.87 32.07 -51.46
N VAL A 454 -22.72 31.49 -51.74
CA VAL A 454 -21.61 31.49 -50.75
C VAL A 454 -20.71 32.66 -51.08
N ALA A 455 -19.61 32.81 -50.35
CA ALA A 455 -18.73 33.98 -50.52
C ALA A 455 -17.77 33.71 -51.67
N PRO A 456 -16.89 34.67 -51.97
CA PRO A 456 -16.03 34.51 -53.12
C PRO A 456 -14.86 33.62 -52.75
N GLN A 457 -15.14 32.32 -52.62
CA GLN A 457 -14.03 31.37 -52.40
C GLN A 457 -13.28 31.78 -51.14
N VAL A 458 -13.98 32.34 -50.17
CA VAL A 458 -13.22 32.60 -48.92
C VAL A 458 -13.20 31.23 -48.26
N THR A 459 -12.25 30.39 -48.69
CA THR A 459 -12.11 29.04 -48.11
C THR A 459 -11.30 29.17 -46.84
N TYR A 460 -11.94 29.09 -45.68
CA TYR A 460 -11.22 29.31 -44.40
C TYR A 460 -10.87 27.96 -43.81
N GLN A 461 -9.58 27.62 -43.72
CA GLN A 461 -9.15 26.33 -43.08
C GLN A 461 -9.35 26.46 -41.57
N ASN A 462 -9.67 25.36 -40.89
CA ASN A 462 -9.78 25.42 -39.43
C ASN A 462 -9.31 24.09 -38.85
N ILE A 463 -8.01 23.81 -38.91
CA ILE A 463 -7.49 22.55 -38.31
C ILE A 463 -7.85 22.46 -36.82
N SER A 464 -8.40 21.34 -36.39
CA SER A 464 -8.77 21.08 -34.98
C SER A 464 -8.60 19.58 -34.76
N THR A 465 -8.24 19.13 -33.56
CA THR A 465 -7.97 17.68 -33.39
C THR A 465 -8.41 17.22 -32.00
N ASN A 466 -8.46 15.91 -31.76
CA ASN A 466 -8.88 15.36 -30.45
C ASN A 466 -7.78 14.45 -29.92
N LEU A 467 -7.37 14.63 -28.67
CA LEU A 467 -6.21 13.82 -28.18
C LEU A 467 -6.39 13.33 -26.73
N PRO A 468 -5.69 12.26 -26.30
CA PRO A 468 -5.76 11.73 -24.94
C PRO A 468 -4.29 11.44 -24.54
N PRO A 469 -3.88 11.34 -23.25
CA PRO A 469 -2.44 11.13 -22.91
C PRO A 469 -2.04 9.80 -22.24
N PRO A 470 -0.90 9.16 -22.60
CA PRO A 470 -0.57 7.87 -21.98
C PRO A 470 0.60 8.02 -21.00
N LEU A 471 0.44 7.59 -19.75
CA LEU A 471 1.50 7.86 -18.73
C LEU A 471 2.18 6.61 -18.19
N LEU A 472 1.64 5.39 -18.39
CA LEU A 472 2.25 4.20 -17.72
C LEU A 472 3.40 3.59 -18.53
N GLY A 473 4.57 4.24 -18.57
CA GLY A 473 5.75 3.60 -19.20
C GLY A 473 6.25 2.54 -18.23
N ASN A 474 6.83 1.45 -18.71
CA ASN A 474 7.19 0.36 -17.75
C ASN A 474 8.21 0.80 -16.71
N SER A 475 9.22 1.60 -17.07
CA SER A 475 10.34 1.92 -16.13
C SER A 475 10.02 2.72 -14.87
N THR A 476 9.20 3.76 -14.95
CA THR A 476 8.99 4.68 -13.79
C THR A 476 10.15 5.69 -13.76
N GLY A 477 10.16 6.63 -12.82
CA GLY A 477 11.16 7.72 -12.85
C GLY A 477 12.60 7.31 -12.69
N ILE A 478 12.89 6.42 -11.75
CA ILE A 478 14.32 6.10 -11.48
C ILE A 478 14.43 4.64 -11.08
N ASP A 479 15.65 4.09 -11.11
CA ASP A 479 15.85 2.69 -10.64
C ASP A 479 15.63 2.62 -9.14
N PHE A 480 15.24 1.44 -8.64
CA PHE A 480 14.93 1.31 -7.19
C PHE A 480 16.20 1.60 -6.39
N GLN A 481 17.36 1.15 -6.86
CA GLN A 481 18.57 1.27 -6.00
C GLN A 481 18.86 2.74 -5.67
N ASP A 482 18.78 3.63 -6.66
CA ASP A 482 19.15 5.03 -6.33
C ASP A 482 18.13 5.52 -5.31
N GLU A 483 16.85 5.22 -5.53
CA GLU A 483 15.82 5.75 -4.62
C GLU A 483 16.09 5.17 -3.23
N LEU A 484 16.43 3.88 -3.16
CA LEU A 484 16.61 3.27 -1.83
C LEU A 484 17.82 3.91 -1.17
N ASP A 485 18.87 4.20 -1.93
CA ASP A 485 20.14 4.68 -1.30
C ASP A 485 20.02 6.01 -0.55
N GLU A 486 19.25 6.95 -1.07
CA GLU A 486 19.21 8.29 -0.43
C GLU A 486 18.70 8.13 1.00
N PHE A 487 17.84 7.14 1.25
CA PHE A 487 17.25 7.03 2.60
C PHE A 487 17.67 5.74 3.31
N PHE A 488 18.17 4.77 2.56
CA PHE A 488 18.44 3.46 3.21
C PHE A 488 19.66 3.52 4.11
N LYS A 489 19.60 2.80 5.21
CA LYS A 489 20.81 2.65 6.06
C LYS A 489 21.14 1.17 5.92
N ASN A 490 22.34 0.84 5.45
CA ASN A 490 22.62 -0.60 5.21
C ASN A 490 22.45 -1.27 6.57
N VAL A 491 22.89 -0.60 7.63
CA VAL A 491 22.72 -1.10 9.03
C VAL A 491 23.45 -2.41 9.23
N SER A 492 24.62 -2.36 9.85
CA SER A 492 25.31 -3.62 10.17
C SER A 492 25.32 -3.74 11.69
N THR A 493 24.77 -4.81 12.23
CA THR A 493 24.66 -4.88 13.71
C THR A 493 26.08 -4.87 14.25
N SER A 494 26.31 -4.11 15.31
CA SER A 494 27.65 -4.14 15.92
C SER A 494 27.67 -5.38 16.82
N ILE A 495 27.69 -6.56 16.21
CA ILE A 495 27.60 -7.80 17.03
C ILE A 495 28.80 -7.80 17.96
N PRO A 496 28.62 -8.12 19.26
CA PRO A 496 29.79 -8.19 20.12
C PRO A 496 29.77 -9.47 20.95
N ASN A 497 30.94 -10.03 21.23
CA ASN A 497 31.00 -11.19 22.15
C ASN A 497 31.44 -10.62 23.51
N PHE A 498 30.65 -10.83 24.55
CA PHE A 498 31.02 -10.16 25.82
C PHE A 498 32.39 -10.67 26.23
N GLY A 499 33.32 -9.78 26.59
CA GLY A 499 34.71 -10.20 26.88
C GLY A 499 34.86 -10.98 28.17
N SER A 500 35.65 -12.07 28.15
CA SER A 500 35.79 -12.92 29.36
C SER A 500 37.19 -13.54 29.44
N LEU A 501 37.62 -13.94 30.64
CA LEU A 501 38.93 -14.63 30.79
C LEU A 501 38.78 -15.86 31.69
N THR A 502 39.27 -17.03 31.25
CA THR A 502 39.25 -18.23 32.13
C THR A 502 40.55 -18.26 32.93
N GLN A 503 40.71 -17.35 33.89
CA GLN A 503 42.00 -17.26 34.61
C GLN A 503 41.95 -18.01 35.94
N ILE A 504 40.89 -18.77 36.20
CA ILE A 504 40.78 -19.44 37.53
C ILE A 504 41.56 -20.76 37.45
N ASN A 505 42.89 -20.68 37.50
CA ASN A 505 43.71 -21.89 37.36
C ASN A 505 43.53 -22.75 38.61
N THR A 506 43.76 -24.05 38.49
CA THR A 506 43.47 -24.93 39.65
C THR A 506 44.31 -24.48 40.83
N THR A 507 43.64 -24.27 41.97
CA THR A 507 44.38 -23.91 43.21
C THR A 507 44.75 -25.23 43.87
N LEU A 508 45.69 -25.97 43.29
CA LEU A 508 45.98 -27.30 43.83
C LEU A 508 46.95 -27.20 45.00
N LEU A 509 46.45 -26.85 46.19
CA LEU A 509 47.36 -26.89 47.35
C LEU A 509 47.79 -28.35 47.40
N ASP A 510 49.08 -28.61 47.56
CA ASP A 510 49.54 -30.01 47.44
C ASP A 510 50.72 -30.22 48.37
N LEU A 511 51.22 -31.45 48.42
CA LEU A 511 52.41 -31.76 49.25
C LEU A 511 52.03 -31.52 50.71
N THR A 512 50.75 -31.69 51.03
CA THR A 512 50.32 -31.60 52.44
C THR A 512 50.73 -32.94 53.04
N TYR A 513 51.30 -33.82 52.21
CA TYR A 513 51.79 -35.14 52.64
C TYR A 513 52.92 -34.94 53.64
N GLU A 514 53.53 -33.77 53.64
CA GLU A 514 54.58 -33.48 54.65
C GLU A 514 53.92 -33.56 56.03
N MET A 515 52.61 -33.37 56.10
CA MET A 515 51.92 -33.55 57.40
C MET A 515 52.11 -35.01 57.82
N LEU A 516 52.03 -35.94 56.87
CA LEU A 516 52.30 -37.35 57.19
C LEU A 516 53.76 -37.50 57.65
N SER A 517 54.68 -36.79 57.00
CA SER A 517 56.10 -36.85 57.43
C SER A 517 56.20 -36.29 58.85
N LEU A 518 55.44 -35.24 59.13
CA LEU A 518 55.41 -34.66 60.49
C LEU A 518 54.87 -35.74 61.43
N GLN A 519 53.88 -36.50 60.96
CA GLN A 519 53.27 -37.55 61.80
C GLN A 519 54.35 -38.56 62.16
N GLN A 520 55.21 -38.89 61.19
CA GLN A 520 56.28 -39.91 61.42
C GLN A 520 57.15 -39.40 62.56
N VAL A 521 57.40 -38.09 62.57
CA VAL A 521 58.29 -37.51 63.62
C VAL A 521 57.63 -37.78 64.97
N VAL A 522 56.32 -37.55 65.05
CA VAL A 522 55.60 -37.76 66.33
C VAL A 522 55.68 -39.25 66.69
N LYS A 523 55.51 -40.11 65.69
CA LYS A 523 55.50 -41.58 65.96
C LYS A 523 56.85 -41.99 66.53
N ALA A 524 57.94 -41.44 65.98
CA ALA A 524 59.29 -41.84 66.43
C ALA A 524 59.44 -41.50 67.91
N LEU A 525 58.92 -40.34 68.32
CA LEU A 525 59.13 -39.92 69.72
C LEU A 525 58.03 -40.50 70.62
N ASN A 526 56.84 -40.76 70.07
CA ASN A 526 55.82 -41.45 70.90
C ASN A 526 56.38 -42.83 71.26
N GLU A 527 56.98 -43.51 70.28
CA GLU A 527 57.63 -44.81 70.54
C GLU A 527 58.81 -44.59 71.49
N SER A 528 59.58 -43.52 71.29
CA SER A 528 60.78 -43.26 72.12
C SER A 528 60.37 -43.09 73.58
N TYR A 529 59.28 -42.37 73.82
CA TYR A 529 58.76 -42.22 75.21
C TYR A 529 58.60 -43.61 75.83
N VAL B 19 -43.42 -5.19 -46.41
CA VAL B 19 -42.35 -6.20 -46.27
C VAL B 19 -42.89 -7.28 -45.36
N ASP B 20 -42.09 -8.29 -45.09
CA ASP B 20 -42.49 -9.33 -44.13
C ASP B 20 -41.28 -9.51 -43.23
N GLN B 21 -41.10 -8.60 -42.30
CA GLN B 21 -39.87 -8.61 -41.48
C GLN B 21 -39.98 -9.68 -40.40
N LEU B 22 -39.15 -9.60 -39.36
CA LEU B 22 -39.14 -10.66 -38.33
C LEU B 22 -40.56 -10.72 -37.79
N ASN B 23 -41.20 -9.57 -37.60
CA ASN B 23 -42.64 -9.62 -37.22
C ASN B 23 -43.51 -9.26 -38.42
N SER B 24 -44.82 -9.22 -38.23
CA SER B 24 -45.74 -9.01 -39.37
C SER B 24 -45.61 -7.59 -39.91
N SER B 25 -46.18 -7.34 -41.07
CA SER B 25 -45.98 -6.02 -41.68
C SER B 25 -46.50 -5.01 -40.68
N TYR B 26 -47.55 -5.34 -39.93
CA TYR B 26 -48.20 -4.34 -39.04
C TYR B 26 -47.35 -3.87 -37.86
N PHE B 27 -47.26 -2.56 -37.68
CA PHE B 27 -46.58 -1.98 -36.50
C PHE B 27 -47.46 -0.79 -36.14
N LYS B 28 -47.73 -0.56 -34.86
CA LYS B 28 -48.68 0.52 -34.51
C LYS B 28 -47.91 1.77 -34.09
N LEU B 29 -48.18 2.93 -34.70
CA LEU B 29 -47.39 4.17 -34.44
C LEU B 29 -48.31 5.25 -33.91
N SER B 30 -47.87 5.97 -32.87
CA SER B 30 -48.65 7.12 -32.37
C SER B 30 -48.09 8.38 -33.01
N ILE B 31 -48.88 9.08 -33.84
CA ILE B 31 -48.36 10.26 -34.59
C ILE B 31 -48.94 11.52 -33.93
N PRO B 32 -48.17 12.61 -33.76
CA PRO B 32 -48.65 13.78 -33.03
C PRO B 32 -49.85 14.52 -33.60
N THR B 33 -50.79 14.87 -32.73
CA THR B 33 -51.99 15.59 -33.17
C THR B 33 -51.96 17.08 -32.77
N ASN B 34 -51.75 17.44 -31.50
CA ASN B 34 -51.61 18.87 -31.08
C ASN B 34 -50.34 19.07 -30.26
N PHE B 35 -49.55 20.08 -30.59
CA PHE B 35 -48.30 20.38 -29.87
C PHE B 35 -48.51 21.52 -28.85
N SER B 36 -47.66 21.64 -27.82
CA SER B 36 -47.73 22.72 -26.80
C SER B 36 -46.33 23.26 -26.57
N PHE B 37 -46.16 24.54 -26.25
CA PHE B 37 -44.80 25.15 -26.15
C PHE B 37 -44.07 24.73 -24.89
N GLY B 38 -42.75 24.50 -24.95
CA GLY B 38 -42.00 24.01 -23.78
C GLY B 38 -40.64 24.65 -23.57
N VAL B 39 -40.29 25.03 -22.33
CA VAL B 39 -39.01 25.72 -22.02
C VAL B 39 -38.20 24.81 -21.13
N THR B 40 -36.95 24.54 -21.46
CA THR B 40 -36.10 23.73 -20.56
C THR B 40 -34.95 24.58 -20.08
N GLN B 41 -34.67 24.67 -18.78
CA GLN B 41 -33.48 25.42 -18.33
C GLN B 41 -32.43 24.39 -17.98
N GLU B 42 -31.30 24.36 -18.68
CA GLU B 42 -30.34 23.26 -18.45
C GLU B 42 -28.95 23.78 -18.14
N TYR B 43 -28.30 23.24 -17.11
CA TYR B 43 -26.90 23.61 -16.75
C TYR B 43 -25.97 22.48 -17.14
N ILE B 44 -25.13 22.68 -18.15
CA ILE B 44 -24.13 21.64 -18.51
C ILE B 44 -22.83 22.07 -17.82
N GLN B 45 -22.30 21.28 -16.86
CA GLN B 45 -21.11 21.72 -16.08
C GLN B 45 -19.85 21.50 -16.89
N THR B 46 -19.00 22.52 -16.97
CA THR B 46 -17.75 22.43 -17.77
C THR B 46 -16.52 22.77 -16.92
N THR B 47 -16.63 22.73 -15.58
CA THR B 47 -15.49 23.16 -14.72
C THR B 47 -15.28 22.27 -13.51
N ILE B 48 -14.05 21.79 -13.30
CA ILE B 48 -13.68 21.05 -12.06
C ILE B 48 -12.32 21.64 -11.64
N GLN B 49 -12.19 22.17 -10.44
CA GLN B 49 -10.89 22.80 -10.11
C GLN B 49 -9.83 21.70 -10.13
N LYS B 50 -8.64 21.96 -10.66
CA LYS B 50 -7.57 20.93 -10.61
C LYS B 50 -7.13 20.80 -9.16
N VAL B 51 -6.67 19.62 -8.74
CA VAL B 51 -6.36 19.46 -7.30
C VAL B 51 -4.89 19.12 -7.11
N THR B 52 -4.27 19.69 -6.09
CA THR B 52 -2.86 19.37 -5.76
C THR B 52 -2.87 18.60 -4.44
N VAL B 53 -2.21 17.45 -4.38
CA VAL B 53 -2.25 16.60 -3.16
C VAL B 53 -0.96 16.86 -2.40
N ASP B 54 -1.03 17.41 -1.18
CA ASP B 54 0.20 17.55 -0.39
C ASP B 54 0.27 16.30 0.47
N CYS B 55 1.13 15.37 0.08
CA CYS B 55 1.15 14.08 0.78
C CYS B 55 1.58 14.21 2.23
N LYS B 56 2.55 15.05 2.54
CA LYS B 56 2.89 15.10 3.98
C LYS B 56 1.65 15.53 4.78
N GLN B 57 0.90 16.52 4.32
CA GLN B 57 -0.36 16.96 5.02
C GLN B 57 -1.48 15.94 4.88
N TYR B 58 -1.76 15.46 3.67
CA TYR B 58 -2.93 14.57 3.51
C TYR B 58 -2.68 13.29 4.29
N VAL B 59 -1.51 12.68 4.07
CA VAL B 59 -1.20 11.39 4.75
C VAL B 59 -1.00 11.66 6.24
N CYS B 60 -0.41 12.80 6.64
CA CYS B 60 -0.30 13.01 8.11
C CYS B 60 -0.23 14.46 8.58
N ASN B 61 0.97 14.94 8.91
CA ASN B 61 1.17 16.28 9.50
C ASN B 61 0.86 16.12 10.98
N GLY B 62 0.59 14.88 11.38
CA GLY B 62 0.22 14.59 12.78
C GLY B 62 1.42 14.13 13.57
N PHE B 63 1.44 12.88 14.02
CA PHE B 63 2.69 12.43 14.68
C PHE B 63 3.77 12.66 13.62
N GLN B 64 4.88 13.34 13.94
CA GLN B 64 5.92 13.68 12.93
C GLN B 64 6.52 12.35 12.52
N LYS B 65 6.22 11.32 13.31
CA LYS B 65 6.69 9.98 12.95
C LYS B 65 6.19 9.74 11.53
N CYS B 66 4.99 10.20 11.22
CA CYS B 66 4.60 9.99 9.81
C CYS B 66 5.52 10.78 8.90
N GLU B 67 5.86 12.01 9.27
CA GLU B 67 6.64 12.81 8.29
C GLU B 67 7.97 12.10 7.97
N GLN B 68 8.68 11.62 8.97
CA GLN B 68 9.94 10.89 8.72
C GLN B 68 9.62 9.60 8.00
N LEU B 69 8.61 8.86 8.46
CA LEU B 69 8.33 7.54 7.85
C LEU B 69 7.95 7.73 6.38
N LEU B 70 7.13 8.71 6.07
CA LEU B 70 6.69 8.95 4.67
C LEU B 70 7.93 9.31 3.84
N ARG B 71 8.92 9.97 4.43
CA ARG B 71 10.10 10.39 3.61
C ARG B 71 10.72 9.12 3.05
N GLU B 72 10.81 8.06 3.84
CA GLU B 72 11.33 6.80 3.31
C GLU B 72 10.35 6.31 2.25
N TYR B 73 9.08 6.64 2.38
CA TYR B 73 8.06 6.02 1.49
C TYR B 73 8.37 6.33 0.03
N GLY B 74 8.85 7.51 -0.27
CA GLY B 74 9.25 7.68 -1.67
C GLY B 74 8.75 8.92 -2.37
N GLN B 75 8.65 8.85 -3.70
CA GLN B 75 8.18 9.98 -4.52
C GLN B 75 6.75 9.69 -4.98
N PHE B 76 5.98 8.97 -4.15
CA PHE B 76 4.58 8.65 -4.50
C PHE B 76 3.90 9.99 -4.75
N CYS B 77 4.18 10.99 -3.94
CA CYS B 77 3.49 12.29 -4.10
C CYS B 77 3.81 12.86 -5.47
N SER B 78 5.05 12.76 -5.91
CA SER B 78 5.36 13.39 -7.20
C SER B 78 4.59 12.70 -8.31
N LYS B 79 4.59 11.37 -8.34
CA LYS B 79 3.92 10.68 -9.46
C LYS B 79 2.40 10.90 -9.41
N ILE B 80 1.80 10.81 -8.23
CA ILE B 80 0.31 10.90 -8.20
C ILE B 80 -0.02 12.27 -8.75
N ASN B 81 0.76 13.28 -8.37
CA ASN B 81 0.49 14.66 -8.84
C ASN B 81 0.67 14.72 -10.36
N GLN B 82 1.60 13.97 -10.93
CA GLN B 82 1.69 13.99 -12.41
C GLN B 82 0.35 13.50 -12.99
N ALA B 83 -0.20 12.41 -12.46
CA ALA B 83 -1.43 11.88 -13.08
C ALA B 83 -2.57 12.90 -12.95
N LEU B 84 -2.76 13.46 -11.76
CA LEU B 84 -3.85 14.44 -11.51
C LEU B 84 -3.59 15.70 -12.34
N HIS B 85 -2.33 16.15 -12.46
CA HIS B 85 -1.99 17.36 -13.27
C HIS B 85 -2.30 17.08 -14.73
N GLY B 86 -2.31 15.80 -15.11
CA GLY B 86 -2.72 15.50 -16.49
C GLY B 86 -4.12 16.04 -16.67
N ALA B 87 -4.97 15.90 -15.65
CA ALA B 87 -6.30 16.54 -15.72
C ALA B 87 -6.17 17.99 -15.28
N THR B 235 76.34 -47.08 91.44
CA THR B 235 75.09 -46.30 91.60
C THR B 235 75.27 -44.87 91.08
N GLN B 236 76.43 -44.26 91.32
CA GLN B 236 76.68 -42.91 90.77
C GLN B 236 76.68 -42.97 89.23
N GLN B 237 77.41 -43.92 88.65
CA GLN B 237 77.51 -44.02 87.16
C GLN B 237 76.14 -44.41 86.60
N VAL B 238 75.43 -45.33 87.25
CA VAL B 238 74.08 -45.75 86.80
C VAL B 238 73.11 -44.57 86.90
N LEU B 239 73.23 -43.73 87.94
CA LEU B 239 72.38 -42.52 88.05
C LEU B 239 72.68 -41.59 86.87
N SER B 240 73.96 -41.49 86.49
CA SER B 240 74.33 -40.67 85.30
C SER B 240 73.68 -41.30 84.07
N GLU B 241 73.65 -42.63 84.00
CA GLU B 241 72.99 -43.35 82.86
C GLU B 241 71.49 -43.04 82.86
N ASN B 242 70.89 -42.90 84.04
CA ASN B 242 69.45 -42.52 84.12
C ASN B 242 69.29 -41.15 83.47
N GLN B 243 70.18 -40.21 83.82
CA GLN B 243 70.15 -38.86 83.20
C GLN B 243 70.43 -39.00 81.70
N LYS B 244 71.38 -39.86 81.35
CA LYS B 244 71.72 -40.10 79.92
C LYS B 244 70.50 -40.67 79.20
N LEU B 245 69.74 -41.53 79.89
CA LEU B 245 68.53 -42.12 79.27
C LEU B 245 67.56 -40.98 78.95
N ILE B 246 67.35 -40.06 79.90
CA ILE B 246 66.48 -38.88 79.64
C ILE B 246 67.16 -38.01 78.57
N ALA B 247 68.49 -37.86 78.64
CA ALA B 247 69.22 -37.03 77.67
C ALA B 247 69.05 -37.62 76.27
N ASN B 248 69.11 -38.94 76.14
CA ASN B 248 68.89 -39.61 74.83
C ASN B 248 67.45 -39.33 74.40
N LYS B 249 66.50 -39.39 75.34
CA LYS B 249 65.09 -39.05 75.01
C LYS B 249 65.07 -37.58 74.56
N PHE B 250 65.82 -36.74 75.28
CA PHE B 250 65.88 -35.29 74.95
C PHE B 250 66.47 -35.14 73.54
N ASN B 251 67.53 -35.89 73.24
CA ASN B 251 68.16 -35.68 71.92
C ASN B 251 67.12 -35.98 70.85
N GLN B 252 66.42 -37.10 71.01
CA GLN B 252 65.38 -37.47 70.02
C GLN B 252 64.26 -36.43 70.07
N ALA B 253 63.82 -36.06 71.28
CA ALA B 253 62.67 -35.14 71.39
C ALA B 253 63.03 -33.78 70.79
N LEU B 254 64.22 -33.29 71.09
CA LEU B 254 64.57 -31.93 70.60
C LEU B 254 64.59 -31.97 69.07
N GLY B 255 65.21 -33.01 68.51
CA GLY B 255 65.28 -33.13 67.06
C GLY B 255 63.88 -33.26 66.48
N ALA B 256 63.05 -34.05 67.15
CA ALA B 256 61.67 -34.26 66.66
C ALA B 256 60.95 -32.92 66.69
N MET B 257 61.15 -32.14 67.75
CA MET B 257 60.38 -30.88 67.85
C MET B 257 60.72 -30.03 66.63
N GLN B 258 62.00 -29.95 66.29
CA GLN B 258 62.37 -29.05 65.16
C GLN B 258 61.72 -29.57 63.89
N THR B 259 61.78 -30.90 63.67
CA THR B 259 61.28 -31.42 62.38
C THR B 259 59.79 -31.15 62.26
N GLY B 260 59.05 -31.39 63.35
CA GLY B 260 57.60 -31.20 63.27
C GLY B 260 57.32 -29.73 63.01
N PHE B 261 58.04 -28.87 63.73
CA PHE B 261 57.85 -27.42 63.53
C PHE B 261 58.24 -27.07 62.10
N THR B 262 59.30 -27.70 61.60
CA THR B 262 59.79 -27.31 60.25
C THR B 262 58.70 -27.62 59.23
N THR B 263 58.09 -28.79 59.37
CA THR B 263 56.99 -29.14 58.44
C THR B 263 55.88 -28.13 58.69
N THR B 264 55.64 -27.77 59.95
CA THR B 264 54.51 -26.86 60.25
C THR B 264 54.80 -25.55 59.54
N ASN B 265 56.04 -25.10 59.63
CA ASN B 265 56.40 -23.82 58.99
C ASN B 265 56.21 -23.97 57.49
N GLU B 266 56.70 -25.07 56.92
CA GLU B 266 56.63 -25.22 55.46
C GLU B 266 55.18 -25.29 55.03
N ALA B 267 54.38 -26.10 55.73
CA ALA B 267 52.98 -26.29 55.31
C ALA B 267 52.19 -24.99 55.46
N PHE B 268 52.31 -24.32 56.61
CA PHE B 268 51.47 -23.12 56.81
C PHE B 268 51.90 -22.08 55.78
N GLN B 269 53.22 -21.98 55.58
CA GLN B 269 53.74 -21.03 54.56
C GLN B 269 53.14 -21.42 53.21
N LYS B 270 53.18 -22.72 52.90
CA LYS B 270 52.68 -23.18 51.58
C LYS B 270 51.19 -22.85 51.54
N VAL B 271 50.50 -23.06 52.65
CA VAL B 271 49.04 -22.82 52.68
C VAL B 271 48.80 -21.34 52.41
N GLN B 272 49.60 -20.46 53.00
CA GLN B 272 49.32 -19.00 52.88
C GLN B 272 49.36 -18.60 51.41
N ASP B 273 50.40 -19.03 50.71
CA ASP B 273 50.50 -18.55 49.32
C ASP B 273 49.29 -19.11 48.57
N ALA B 274 48.97 -20.38 48.81
CA ALA B 274 47.86 -21.00 48.07
C ALA B 274 46.54 -20.34 48.44
N VAL B 275 46.29 -20.14 49.72
CA VAL B 275 44.96 -19.60 50.09
C VAL B 275 44.90 -18.19 49.51
N ASN B 276 46.02 -17.47 49.57
CA ASN B 276 46.06 -16.12 48.97
C ASN B 276 45.88 -16.25 47.47
N ASN B 277 46.45 -17.30 46.87
CA ASN B 277 46.27 -17.52 45.42
C ASN B 277 44.78 -17.71 45.16
N ASN B 278 44.13 -18.48 46.03
CA ASN B 278 42.68 -18.70 45.88
C ASN B 278 41.99 -17.35 46.01
N ALA B 279 42.46 -16.52 46.94
CA ALA B 279 41.78 -15.23 47.20
C ALA B 279 41.81 -14.38 45.94
N GLN B 280 42.98 -14.30 45.30
CA GLN B 280 43.08 -13.43 44.12
C GLN B 280 42.12 -14.03 43.11
N ALA B 281 42.10 -15.35 43.06
CA ALA B 281 41.25 -15.99 42.04
C ALA B 281 39.80 -15.58 42.33
N LEU B 282 39.38 -15.63 43.59
CA LEU B 282 37.97 -15.25 43.80
C LEU B 282 37.83 -13.79 43.39
N SER B 283 38.78 -12.95 43.80
CA SER B 283 38.63 -11.51 43.54
C SER B 283 38.62 -11.22 42.05
N LYS B 284 39.55 -11.79 41.30
CA LYS B 284 39.63 -11.43 39.87
C LYS B 284 38.37 -11.90 39.17
N LEU B 285 37.95 -13.12 39.47
CA LEU B 285 36.80 -13.64 38.70
C LEU B 285 35.62 -12.76 39.01
N ALA B 286 35.47 -12.37 40.28
CA ALA B 286 34.26 -11.60 40.63
C ALA B 286 34.27 -10.29 39.86
N SER B 287 35.42 -9.63 39.82
CA SER B 287 35.44 -8.30 39.18
C SER B 287 35.11 -8.48 37.69
N GLU B 288 35.79 -9.43 37.06
CA GLU B 288 35.54 -9.63 35.61
C GLU B 288 34.07 -10.00 35.48
N LEU B 289 33.56 -10.77 36.44
CA LEU B 289 32.15 -11.19 36.26
C LEU B 289 31.31 -9.93 36.26
N SER B 290 31.61 -8.99 37.14
CA SER B 290 30.72 -7.81 37.23
C SER B 290 30.77 -7.05 35.90
N ASN B 291 31.96 -6.85 35.35
CA ASN B 291 32.05 -6.04 34.12
C ASN B 291 31.32 -6.76 33.00
N THR B 292 31.47 -8.08 32.90
CA THR B 292 30.85 -8.76 31.74
C THR B 292 29.35 -8.57 31.86
N PHE B 293 28.81 -8.71 33.06
CA PHE B 293 27.33 -8.64 33.21
C PHE B 293 26.87 -7.24 32.79
N GLY B 294 27.60 -6.21 33.19
CA GLY B 294 27.12 -4.86 32.88
C GLY B 294 27.06 -4.74 31.38
N ALA B 295 28.06 -5.29 30.71
CA ALA B 295 28.07 -5.29 29.23
C ALA B 295 26.91 -6.15 28.72
N ILE B 296 26.61 -7.27 29.38
CA ILE B 296 25.44 -8.08 28.93
C ILE B 296 24.24 -7.14 29.01
N SER B 297 24.15 -6.37 30.09
CA SER B 297 23.03 -5.42 30.22
C SER B 297 23.11 -4.40 29.09
N ALA B 298 24.31 -3.92 28.77
CA ALA B 298 24.39 -2.86 27.75
C ALA B 298 23.85 -3.42 26.43
N SER B 299 24.33 -4.59 26.04
CA SER B 299 23.90 -5.09 24.72
C SER B 299 22.41 -5.38 24.78
N ILE B 300 21.97 -6.04 25.84
CA ILE B 300 20.53 -6.43 25.94
C ILE B 300 19.70 -5.15 25.99
N GLY B 301 20.17 -4.14 26.72
CA GLY B 301 19.35 -2.91 26.88
C GLY B 301 19.14 -2.22 25.56
N ASP B 302 20.20 -2.10 24.77
CA ASP B 302 20.07 -1.40 23.46
C ASP B 302 19.17 -2.24 22.56
N ILE B 303 19.30 -3.57 22.62
CA ILE B 303 18.52 -4.41 21.68
C ILE B 303 17.06 -4.12 21.97
N ILE B 304 16.70 -4.05 23.24
CA ILE B 304 15.25 -3.87 23.57
C ILE B 304 14.80 -2.53 22.98
N GLN B 305 15.58 -1.47 23.17
CA GLN B 305 15.10 -0.16 22.68
C GLN B 305 14.99 -0.22 21.16
N ARG B 306 15.98 -0.82 20.52
CA ARG B 306 15.94 -0.92 19.04
C ARG B 306 14.74 -1.78 18.66
N LEU B 307 14.46 -2.82 19.44
CA LEU B 307 13.27 -3.66 19.17
C LEU B 307 12.06 -2.77 19.31
N ASP B 308 12.03 -1.94 20.34
CA ASP B 308 10.80 -1.15 20.55
C ASP B 308 10.58 -0.20 19.37
N VAL B 309 11.62 0.47 18.88
CA VAL B 309 11.37 1.45 17.80
C VAL B 309 10.80 0.63 16.64
N LEU B 310 11.33 -0.57 16.40
CA LEU B 310 10.86 -1.39 15.26
C LEU B 310 9.38 -1.75 15.43
N GLU B 311 8.97 -2.18 16.62
CA GLU B 311 7.53 -2.50 16.86
C GLU B 311 6.66 -1.25 16.73
N GLN B 312 7.06 -0.13 17.31
CA GLN B 312 6.25 1.13 17.28
C GLN B 312 6.17 1.66 15.87
N ASP B 313 7.28 1.59 15.15
CA ASP B 313 7.31 2.11 13.76
C ASP B 313 6.32 1.31 12.92
N ALA B 314 6.23 0.02 13.15
CA ALA B 314 5.35 -0.76 12.24
C ALA B 314 3.93 -0.22 12.33
N GLN B 315 3.40 0.04 13.51
CA GLN B 315 1.97 0.45 13.53
C GLN B 315 1.81 1.76 12.77
N ILE B 316 2.75 2.67 12.95
CA ILE B 316 2.68 3.96 12.21
C ILE B 316 2.84 3.61 10.75
N ASP B 317 3.66 2.63 10.43
CA ASP B 317 3.75 2.18 9.01
C ASP B 317 2.41 1.57 8.55
N ARG B 318 1.74 0.76 9.36
CA ARG B 318 0.48 0.22 8.82
C ARG B 318 -0.48 1.38 8.61
N LEU B 319 -0.59 2.32 9.53
CA LEU B 319 -1.59 3.39 9.28
C LEU B 319 -1.18 4.17 8.03
N ILE B 320 0.10 4.47 7.85
CA ILE B 320 0.44 5.30 6.66
C ILE B 320 -0.01 4.49 5.47
N ASN B 321 0.22 3.19 5.42
CA ASN B 321 -0.18 2.48 4.19
C ASN B 321 -1.70 2.57 4.06
N GLY B 322 -2.41 2.53 5.17
CA GLY B 322 -3.88 2.58 5.12
C GLY B 322 -4.40 3.89 4.56
N ARG B 323 -3.83 5.01 5.00
CA ARG B 323 -4.25 6.32 4.45
C ARG B 323 -3.85 6.38 2.97
N LEU B 324 -2.68 5.88 2.60
CA LEU B 324 -2.28 5.86 1.17
C LEU B 324 -3.24 5.00 0.35
N THR B 325 -3.75 3.89 0.87
CA THR B 325 -4.69 3.13 0.03
C THR B 325 -5.91 4.00 -0.31
N THR B 326 -6.38 4.85 0.62
CA THR B 326 -7.56 5.70 0.35
C THR B 326 -7.18 6.80 -0.62
N LEU B 327 -5.94 7.30 -0.55
CA LEU B 327 -5.52 8.30 -1.57
C LEU B 327 -5.55 7.68 -2.95
N ASN B 328 -5.07 6.45 -3.16
CA ASN B 328 -5.07 5.95 -4.55
C ASN B 328 -6.52 5.90 -5.05
N ALA B 329 -7.46 5.49 -4.21
CA ALA B 329 -8.90 5.47 -4.57
C ALA B 329 -9.44 6.88 -4.74
N PHE B 330 -9.09 7.81 -3.86
CA PHE B 330 -9.55 9.19 -4.10
C PHE B 330 -8.86 9.82 -5.31
N VAL B 331 -7.57 9.58 -5.56
CA VAL B 331 -6.98 10.14 -6.81
C VAL B 331 -7.71 9.50 -7.98
N ALA B 332 -8.09 8.24 -7.87
CA ALA B 332 -8.93 7.67 -8.96
C ALA B 332 -10.28 8.37 -9.05
N GLN B 333 -10.98 8.66 -7.95
CA GLN B 333 -12.25 9.38 -8.17
C GLN B 333 -11.95 10.74 -8.78
N GLN B 334 -10.97 11.46 -8.28
CA GLN B 334 -10.77 12.77 -8.94
C GLN B 334 -10.37 12.53 -10.40
N LEU B 335 -9.60 11.50 -10.72
CA LEU B 335 -9.28 11.29 -12.16
C LEU B 335 -10.52 10.95 -13.01
N VAL B 336 -11.41 10.07 -12.55
CA VAL B 336 -12.64 9.70 -13.29
C VAL B 336 -13.60 10.89 -13.40
N ARG B 337 -13.75 11.67 -12.32
CA ARG B 337 -14.63 12.87 -12.38
C ARG B 337 -14.04 13.81 -13.43
N SER B 338 -12.73 13.98 -13.48
CA SER B 338 -12.21 14.97 -14.44
C SER B 338 -12.52 14.59 -15.88
N GLU B 339 -12.30 13.33 -16.29
CA GLU B 339 -12.65 13.01 -17.70
C GLU B 339 -14.16 13.16 -17.88
N SER B 340 -14.95 12.77 -16.88
CA SER B 340 -16.41 12.80 -17.07
C SER B 340 -16.82 14.23 -17.35
N ALA B 341 -16.27 15.19 -16.63
CA ALA B 341 -16.59 16.60 -16.97
C ALA B 341 -16.07 16.91 -18.37
N ALA B 342 -14.92 16.37 -18.76
CA ALA B 342 -14.38 16.73 -20.08
C ALA B 342 -15.30 16.25 -21.20
N LEU B 343 -15.86 15.06 -21.11
CA LEU B 343 -16.83 14.66 -22.16
C LEU B 343 -17.99 15.65 -22.07
N SER B 344 -18.36 16.07 -20.86
CA SER B 344 -19.52 16.97 -20.72
C SER B 344 -19.27 18.28 -21.45
N ALA B 345 -18.04 18.76 -21.47
CA ALA B 345 -17.82 19.99 -22.26
C ALA B 345 -18.03 19.72 -23.75
N GLN B 346 -17.73 18.52 -24.25
CA GLN B 346 -18.03 18.26 -25.69
C GLN B 346 -19.54 18.31 -25.87
N LEU B 347 -20.33 17.80 -24.93
CA LEU B 347 -21.79 17.94 -25.09
C LEU B 347 -22.09 19.42 -25.10
N ALA B 348 -21.49 20.20 -24.20
CA ALA B 348 -21.78 21.64 -24.14
C ALA B 348 -21.32 22.33 -25.43
N LYS B 349 -20.14 21.98 -25.95
CA LYS B 349 -19.73 22.56 -27.24
C LYS B 349 -20.75 22.12 -28.28
N ASP B 350 -21.15 20.87 -28.24
CA ASP B 350 -22.07 20.40 -29.29
C ASP B 350 -23.38 21.17 -29.16
N LYS B 351 -23.93 21.30 -27.97
CA LYS B 351 -25.23 21.99 -27.91
C LYS B 351 -25.02 23.42 -28.37
N VAL B 352 -23.91 24.07 -27.99
CA VAL B 352 -23.80 25.50 -28.35
C VAL B 352 -23.80 25.63 -29.86
N ASN B 353 -23.05 24.78 -30.57
CA ASN B 353 -22.99 24.82 -32.06
C ASN B 353 -24.28 24.35 -32.72
N GLU B 354 -24.95 23.31 -32.21
CA GLU B 354 -26.13 22.73 -32.89
C GLU B 354 -27.42 23.21 -32.26
N CYS B 355 -27.37 24.12 -31.29
CA CYS B 355 -28.61 24.68 -30.72
C CYS B 355 -28.57 26.21 -30.65
N VAL B 356 -27.70 26.78 -29.83
CA VAL B 356 -27.77 28.25 -29.68
C VAL B 356 -27.51 28.91 -31.03
N LYS B 357 -26.56 28.41 -31.80
CA LYS B 357 -26.18 29.09 -33.07
C LYS B 357 -27.00 28.61 -34.26
N ALA B 358 -27.86 27.59 -34.09
CA ALA B 358 -28.73 27.20 -35.23
C ALA B 358 -29.96 26.42 -34.78
N GLN B 359 -31.02 26.42 -35.55
CA GLN B 359 -32.21 25.57 -35.23
C GLN B 359 -31.77 24.12 -35.42
N SER B 360 -32.19 23.19 -34.55
CA SER B 360 -31.69 21.80 -34.64
C SER B 360 -32.80 20.86 -35.07
N LYS B 361 -32.59 20.16 -36.19
CA LYS B 361 -33.61 19.20 -36.69
C LYS B 361 -33.78 18.05 -35.69
N ARG B 362 -32.69 17.54 -35.08
CA ARG B 362 -32.82 16.36 -34.18
C ARG B 362 -33.66 16.74 -32.96
N SER B 363 -34.72 16.01 -32.64
CA SER B 363 -35.53 16.30 -31.44
C SER B 363 -34.72 15.91 -30.22
N GLY B 364 -35.11 16.31 -29.02
CA GLY B 364 -34.38 15.79 -27.85
C GLY B 364 -32.95 16.25 -27.75
N PHE B 365 -32.53 17.23 -28.54
CA PHE B 365 -31.19 17.84 -28.35
C PHE B 365 -31.49 19.31 -28.24
N CYS B 366 -31.95 19.73 -27.05
CA CYS B 366 -32.37 21.12 -26.76
C CYS B 366 -33.89 21.21 -26.85
N GLY B 367 -34.57 20.85 -25.76
CA GLY B 367 -36.03 20.98 -25.69
C GLY B 367 -36.73 19.70 -26.05
N GLN B 368 -37.78 19.33 -25.32
CA GLN B 368 -38.55 18.15 -25.74
C GLN B 368 -39.27 18.59 -27.00
N GLY B 369 -39.45 17.73 -27.99
CA GLY B 369 -40.07 18.20 -29.24
C GLY B 369 -39.07 19.04 -30.00
N THR B 370 -39.49 19.81 -31.00
CA THR B 370 -38.49 20.51 -31.84
C THR B 370 -37.98 21.77 -31.13
N HIS B 371 -37.02 22.49 -31.72
CA HIS B 371 -36.44 23.71 -31.08
C HIS B 371 -36.70 24.96 -31.93
N ILE B 372 -37.20 26.06 -31.35
CA ILE B 372 -37.50 27.32 -32.09
C ILE B 372 -36.62 28.48 -31.63
N VAL B 373 -35.68 28.28 -30.70
CA VAL B 373 -34.67 29.31 -30.32
C VAL B 373 -33.92 28.70 -29.15
N SER B 374 -32.75 29.19 -28.76
CA SER B 374 -32.12 28.62 -27.53
C SER B 374 -31.04 29.56 -27.01
N PHE B 375 -31.35 30.45 -26.09
CA PHE B 375 -30.31 31.42 -25.71
C PHE B 375 -29.48 30.86 -24.56
N VAL B 376 -28.17 30.74 -24.71
CA VAL B 376 -27.28 30.27 -23.61
C VAL B 376 -26.97 31.46 -22.70
N VAL B 377 -26.40 31.23 -21.52
CA VAL B 377 -25.92 32.35 -20.66
C VAL B 377 -24.81 31.74 -19.84
N ASN B 378 -23.70 32.41 -19.56
CA ASN B 378 -22.67 31.72 -18.73
C ASN B 378 -23.16 31.62 -17.28
N ALA B 379 -22.84 30.54 -16.58
CA ALA B 379 -23.38 30.33 -15.21
C ALA B 379 -22.21 30.03 -14.29
N PRO B 380 -22.36 29.83 -12.95
CA PRO B 380 -21.22 29.74 -12.04
C PRO B 380 -20.06 28.82 -12.42
N ASN B 381 -20.32 27.58 -12.84
CA ASN B 381 -19.17 26.77 -13.32
C ASN B 381 -19.41 26.31 -14.75
N GLY B 382 -20.64 26.39 -15.25
CA GLY B 382 -20.92 25.85 -16.59
C GLY B 382 -22.01 26.61 -17.29
N LEU B 383 -22.20 26.38 -18.58
CA LEU B 383 -23.19 27.17 -19.35
C LEU B 383 -24.59 26.78 -18.93
N TYR B 384 -25.51 27.74 -18.78
CA TYR B 384 -26.93 27.45 -18.47
C TYR B 384 -27.77 27.83 -19.69
N PHE B 385 -28.51 26.89 -20.29
CA PHE B 385 -29.20 27.17 -21.56
C PHE B 385 -30.71 27.23 -21.38
N MET B 386 -31.37 28.33 -21.69
CA MET B 386 -32.84 28.34 -21.60
C MET B 386 -33.47 27.96 -22.94
N HIS B 387 -33.35 26.72 -23.40
CA HIS B 387 -33.89 26.32 -24.72
C HIS B 387 -35.41 26.46 -24.76
N VAL B 388 -36.01 26.84 -25.89
CA VAL B 388 -37.50 26.90 -26.03
C VAL B 388 -37.93 26.12 -27.26
N GLY B 389 -38.91 25.22 -27.19
CA GLY B 389 -39.42 24.53 -28.39
C GLY B 389 -40.81 23.91 -28.24
N TYR B 390 -41.48 23.51 -29.33
CA TYR B 390 -42.80 22.83 -29.25
C TYR B 390 -42.66 21.34 -28.90
N TYR B 391 -43.58 20.76 -28.11
CA TYR B 391 -43.56 19.34 -27.69
C TYR B 391 -44.88 18.69 -28.05
N PRO B 392 -44.98 17.41 -28.47
CA PRO B 392 -46.28 16.81 -28.76
C PRO B 392 -47.18 16.66 -27.52
N SER B 393 -48.50 16.83 -27.65
CA SER B 393 -49.39 16.79 -26.45
C SER B 393 -50.39 15.65 -26.53
N ASN B 394 -51.15 15.53 -27.60
CA ASN B 394 -52.06 14.35 -27.70
C ASN B 394 -51.66 13.54 -28.91
N HIS B 395 -51.40 12.24 -28.73
CA HIS B 395 -50.87 11.49 -29.89
C HIS B 395 -51.94 10.53 -30.46
N ILE B 396 -52.37 10.71 -31.72
CA ILE B 396 -53.35 9.80 -32.40
C ILE B 396 -52.61 8.51 -32.75
N GLU B 397 -53.33 7.39 -32.84
CA GLU B 397 -52.65 6.08 -33.09
C GLU B 397 -53.27 5.41 -34.32
N VAL B 398 -52.44 4.81 -35.18
CA VAL B 398 -53.08 4.09 -36.31
C VAL B 398 -52.24 2.86 -36.70
N VAL B 399 -52.87 1.81 -37.27
CA VAL B 399 -52.12 0.63 -37.76
C VAL B 399 -51.25 1.21 -38.84
N SER B 400 -49.98 0.89 -38.88
CA SER B 400 -49.16 1.40 -40.00
C SER B 400 -48.30 0.26 -40.54
N ALA B 401 -47.75 0.40 -41.74
CA ALA B 401 -47.02 -0.75 -42.30
C ALA B 401 -45.52 -0.44 -42.36
N TYR B 402 -44.67 -1.44 -42.09
CA TYR B 402 -43.21 -1.18 -42.02
C TYR B 402 -42.85 -0.69 -43.40
N GLY B 403 -43.87 -0.63 -44.26
CA GLY B 403 -43.67 -0.14 -45.63
C GLY B 403 -43.93 -1.23 -46.65
N LEU B 404 -44.83 -0.99 -47.58
CA LEU B 404 -45.13 -2.10 -48.49
C LEU B 404 -45.62 -1.53 -49.81
N CYS B 405 -45.42 -2.26 -50.91
CA CYS B 405 -45.81 -1.81 -52.25
C CYS B 405 -47.32 -1.84 -52.43
N ASP B 406 -48.03 -2.63 -51.62
CA ASP B 406 -49.48 -2.90 -51.81
C ASP B 406 -49.51 -4.03 -52.84
N ALA B 407 -48.33 -4.41 -53.37
CA ALA B 407 -48.21 -5.50 -54.38
C ALA B 407 -48.41 -6.85 -53.71
N ALA B 408 -48.97 -7.80 -54.44
CA ALA B 408 -49.22 -9.14 -53.88
C ALA B 408 -47.90 -9.84 -53.58
N ASN B 409 -46.95 -9.76 -54.50
CA ASN B 409 -45.71 -10.56 -54.34
C ASN B 409 -44.47 -9.66 -54.42
N PRO B 410 -43.67 -9.52 -53.34
CA PRO B 410 -42.43 -8.74 -53.37
C PRO B 410 -41.51 -8.60 -54.59
N THR B 411 -41.99 -8.13 -55.75
CA THR B 411 -41.07 -7.84 -56.88
C THR B 411 -40.25 -6.59 -56.59
N ASN B 412 -40.91 -5.51 -56.15
CA ASN B 412 -40.23 -4.25 -55.76
C ASN B 412 -41.22 -3.59 -54.82
N CYS B 413 -40.80 -2.72 -53.93
CA CYS B 413 -41.79 -2.23 -52.94
C CYS B 413 -41.56 -0.75 -52.62
N ILE B 414 -42.52 -0.10 -51.97
CA ILE B 414 -42.40 1.36 -51.71
C ILE B 414 -42.09 1.54 -50.24
N ALA B 415 -41.20 2.47 -49.91
CA ALA B 415 -40.78 2.70 -48.52
C ALA B 415 -41.14 4.13 -48.14
N PRO B 416 -41.80 4.37 -47.00
CA PRO B 416 -42.09 5.71 -46.59
C PRO B 416 -40.82 6.52 -46.44
N VAL B 417 -40.79 7.74 -46.97
CA VAL B 417 -39.62 8.64 -46.79
C VAL B 417 -40.08 9.92 -46.11
N ASN B 418 -39.52 10.23 -44.95
CA ASN B 418 -39.85 11.46 -44.18
C ASN B 418 -41.13 11.26 -43.40
N GLY B 419 -41.80 10.13 -43.57
CA GLY B 419 -42.98 9.87 -42.72
C GLY B 419 -43.49 8.46 -42.79
N TYR B 420 -44.18 7.98 -41.76
CA TYR B 420 -44.64 6.59 -41.73
C TYR B 420 -45.81 6.45 -42.73
N PHE B 421 -46.06 5.28 -43.34
CA PHE B 421 -47.22 5.02 -44.24
C PHE B 421 -48.35 4.48 -43.37
N ILE B 422 -49.56 5.01 -43.46
CA ILE B 422 -50.63 4.61 -42.50
C ILE B 422 -51.85 4.06 -43.24
N LYS B 423 -52.70 3.36 -42.51
CA LYS B 423 -53.93 2.83 -43.12
C LYS B 423 -55.09 3.58 -42.50
N THR B 424 -56.01 4.08 -43.33
CA THR B 424 -57.14 4.89 -42.82
C THR B 424 -58.17 3.97 -42.17
N ASN B 425 -59.20 4.52 -41.53
CA ASN B 425 -60.28 3.69 -40.95
C ASN B 425 -61.41 3.57 -41.97
N GLU B 432 -55.90 -0.71 -48.11
CA GLU B 432 -55.70 0.68 -48.60
C GLU B 432 -54.52 1.29 -47.83
N TRP B 433 -53.80 2.25 -48.41
CA TRP B 433 -52.73 2.92 -47.62
C TRP B 433 -52.62 4.39 -47.99
N SER B 434 -52.30 5.26 -47.04
CA SER B 434 -52.12 6.71 -47.28
C SER B 434 -50.87 7.20 -46.54
N TYR B 435 -50.07 8.08 -47.15
CA TYR B 435 -48.82 8.56 -46.52
C TYR B 435 -49.09 9.67 -45.50
N THR B 436 -48.16 9.88 -44.56
CA THR B 436 -48.29 10.96 -43.57
C THR B 436 -46.90 11.37 -43.13
N GLY B 437 -46.73 12.58 -42.61
CA GLY B 437 -45.42 13.02 -42.10
C GLY B 437 -45.21 12.58 -40.67
N SER B 438 -44.02 12.76 -40.12
CA SER B 438 -43.83 12.42 -38.70
C SER B 438 -44.52 13.45 -37.84
N SER B 439 -44.52 14.72 -38.27
CA SER B 439 -45.08 15.80 -37.43
C SER B 439 -46.60 15.72 -37.26
N PHE B 440 -47.33 15.45 -38.34
CA PHE B 440 -48.80 15.51 -38.21
C PHE B 440 -49.47 14.32 -38.90
N TYR B 441 -50.62 13.89 -38.38
CA TYR B 441 -51.36 12.83 -39.05
C TYR B 441 -52.08 13.59 -40.16
N ALA B 442 -51.33 13.98 -41.18
CA ALA B 442 -51.93 14.66 -42.34
C ALA B 442 -51.99 13.65 -43.48
N PRO B 443 -53.12 12.97 -43.68
CA PRO B 443 -53.13 11.94 -44.68
C PRO B 443 -52.99 12.56 -46.07
N GLU B 444 -52.19 11.93 -46.92
CA GLU B 444 -51.98 12.41 -48.32
C GLU B 444 -51.84 11.15 -49.19
N PRO B 445 -52.26 11.13 -50.46
CA PRO B 445 -52.10 9.90 -51.21
C PRO B 445 -50.62 9.55 -51.36
N ILE B 446 -50.28 8.25 -51.32
CA ILE B 446 -48.86 7.82 -51.52
C ILE B 446 -48.47 8.18 -52.94
N THR B 447 -47.42 8.96 -53.11
CA THR B 447 -46.99 9.41 -54.45
C THR B 447 -45.48 9.33 -54.53
N SER B 448 -44.92 9.50 -55.72
CA SER B 448 -43.46 9.35 -55.89
C SER B 448 -42.72 10.39 -55.05
N LEU B 449 -43.35 11.51 -54.71
CA LEU B 449 -42.68 12.48 -53.80
C LEU B 449 -42.41 11.87 -52.42
N ASN B 450 -43.36 11.10 -51.88
CA ASN B 450 -43.20 10.57 -50.49
C ASN B 450 -42.44 9.24 -50.43
N THR B 451 -42.06 8.63 -51.55
CA THR B 451 -41.45 7.28 -51.46
C THR B 451 -40.16 7.11 -52.26
N LYS B 452 -39.15 6.49 -51.69
CA LYS B 452 -37.93 6.15 -52.47
C LYS B 452 -38.06 4.66 -52.68
N TYR B 453 -37.91 4.13 -53.90
CA TYR B 453 -38.23 2.69 -54.08
C TYR B 453 -37.18 1.83 -53.43
N VAL B 454 -37.58 1.12 -52.39
CA VAL B 454 -36.67 0.21 -51.66
C VAL B 454 -36.58 -1.09 -52.44
N ALA B 455 -35.70 -2.00 -52.03
CA ALA B 455 -35.46 -3.24 -52.80
C ALA B 455 -36.57 -4.24 -52.56
N PRO B 456 -36.50 -5.40 -53.22
CA PRO B 456 -37.59 -6.34 -53.12
C PRO B 456 -37.53 -7.12 -51.82
N GLN B 457 -37.90 -6.47 -50.73
CA GLN B 457 -38.00 -7.19 -49.44
C GLN B 457 -36.64 -7.74 -49.05
N VAL B 458 -35.57 -7.11 -49.49
CA VAL B 458 -34.27 -7.62 -49.00
C VAL B 458 -34.17 -7.02 -47.61
N THR B 459 -34.81 -7.64 -46.63
CA THR B 459 -34.73 -7.15 -45.25
C THR B 459 -33.47 -7.73 -44.61
N TYR B 460 -32.43 -6.91 -44.44
CA TYR B 460 -31.15 -7.45 -43.95
C TYR B 460 -31.08 -7.23 -42.46
N GLN B 461 -31.07 -8.29 -41.65
CA GLN B 461 -30.93 -8.15 -40.18
C GLN B 461 -29.49 -7.75 -39.86
N ASN B 462 -29.28 -7.02 -38.76
CA ASN B 462 -27.91 -6.67 -38.36
C ASN B 462 -27.86 -6.52 -36.84
N ILE B 463 -27.90 -7.63 -36.10
CA ILE B 463 -27.78 -7.52 -34.62
C ILE B 463 -26.46 -6.88 -34.21
N SER B 464 -26.51 -5.90 -33.31
CA SER B 464 -25.30 -5.23 -32.78
C SER B 464 -25.62 -4.84 -31.35
N THR B 465 -24.66 -4.84 -30.43
CA THR B 465 -25.00 -4.59 -29.01
C THR B 465 -23.87 -3.78 -28.36
N ASN B 466 -24.11 -3.19 -27.19
CA ASN B 466 -23.08 -2.39 -26.47
C ASN B 466 -22.90 -2.97 -25.07
N LEU B 467 -21.67 -3.31 -24.68
CA LEU B 467 -21.50 -3.98 -23.37
C LEU B 467 -20.29 -3.43 -22.58
N PRO B 468 -20.26 -3.59 -21.24
CA PRO B 468 -19.14 -3.12 -20.40
C PRO B 468 -18.85 -4.27 -19.42
N PRO B 469 -17.65 -4.41 -18.78
CA PRO B 469 -17.39 -5.61 -17.90
C PRO B 469 -17.31 -5.38 -16.38
N PRO B 470 -17.91 -6.24 -15.52
CA PRO B 470 -17.79 -6.06 -14.07
C PRO B 470 -16.72 -6.96 -13.47
N LEU B 471 -15.78 -6.41 -12.70
CA LEU B 471 -14.63 -7.23 -12.22
C LEU B 471 -14.53 -7.35 -10.70
N LEU B 472 -15.19 -6.50 -9.91
CA LEU B 472 -14.97 -6.55 -8.43
C LEU B 472 -15.87 -7.58 -7.74
N GLY B 473 -15.56 -8.88 -7.89
CA GLY B 473 -16.29 -9.88 -7.11
C GLY B 473 -15.84 -9.74 -5.67
N ASN B 474 -16.71 -9.98 -4.71
CA ASN B 474 -16.33 -9.70 -3.30
C ASN B 474 -15.17 -10.54 -2.80
N SER B 475 -15.06 -11.82 -3.15
CA SER B 475 -14.05 -12.72 -2.51
C SER B 475 -12.66 -12.81 -3.15
N THR B 476 -12.42 -12.27 -4.35
CA THR B 476 -11.06 -12.29 -4.94
C THR B 476 -10.65 -13.69 -5.37
N GLY B 477 -9.41 -13.87 -5.84
CA GLY B 477 -8.98 -15.16 -6.42
C GLY B 477 -8.89 -16.33 -5.46
N ILE B 478 -8.33 -16.11 -4.28
CA ILE B 478 -8.09 -17.26 -3.37
C ILE B 478 -8.24 -16.79 -1.92
N ASP B 479 -8.38 -17.72 -0.98
CA ASP B 479 -8.44 -17.34 0.45
C ASP B 479 -7.06 -16.84 0.89
N PHE B 480 -7.02 -16.00 1.91
CA PHE B 480 -5.73 -15.43 2.37
C PHE B 480 -4.84 -16.55 2.85
N GLN B 481 -5.39 -17.54 3.56
CA GLN B 481 -4.51 -18.56 4.19
C GLN B 481 -3.67 -19.30 3.16
N ASP B 482 -4.28 -19.72 2.04
CA ASP B 482 -3.47 -20.49 1.08
C ASP B 482 -2.37 -19.57 0.58
N GLU B 483 -2.74 -18.32 0.27
CA GLU B 483 -1.73 -17.40 -0.31
C GLU B 483 -0.64 -17.21 0.73
N LEU B 484 -1.02 -17.10 2.00
CA LEU B 484 0.01 -16.81 3.04
C LEU B 484 0.88 -18.06 3.19
N ASP B 485 0.31 -19.26 3.11
CA ASP B 485 1.09 -20.49 3.41
C ASP B 485 2.28 -20.69 2.46
N GLU B 486 2.11 -20.39 1.19
CA GLU B 486 3.20 -20.68 0.22
C GLU B 486 4.46 -19.92 0.64
N PHE B 487 4.29 -18.73 1.25
CA PHE B 487 5.50 -17.93 1.55
C PHE B 487 5.70 -17.73 3.05
N PHE B 488 4.66 -17.92 3.85
CA PHE B 488 4.80 -17.61 5.29
C PHE B 488 5.65 -18.65 6.00
N LYS B 489 6.42 -18.21 6.98
CA LYS B 489 7.15 -19.17 7.84
C LYS B 489 6.51 -18.97 9.20
N ASN B 490 5.98 -20.03 9.82
CA ASN B 490 5.25 -19.80 11.10
C ASN B 490 6.29 -19.17 12.02
N VAL B 491 7.55 -19.63 11.94
CA VAL B 491 8.68 -19.05 12.72
C VAL B 491 8.43 -19.17 14.21
N SER B 492 9.07 -20.13 14.84
CA SER B 492 8.97 -20.22 16.32
C SER B 492 10.37 -19.96 16.86
N THR B 493 10.50 -18.98 17.75
CA THR B 493 11.85 -18.63 18.21
C THR B 493 12.41 -19.85 18.91
N SER B 494 13.67 -20.17 18.67
CA SER B 494 14.28 -21.29 19.42
C SER B 494 14.68 -20.72 20.77
N ILE B 495 13.69 -20.42 21.60
CA ILE B 495 14.02 -19.76 22.90
C ILE B 495 14.95 -20.71 23.64
N PRO B 496 16.06 -20.23 24.22
CA PRO B 496 16.89 -21.13 24.98
C PRO B 496 17.16 -20.55 26.36
N ASN B 497 17.17 -21.39 27.39
CA ASN B 497 17.56 -20.90 28.74
C ASN B 497 19.04 -21.25 28.91
N PHE B 498 19.89 -20.27 29.17
CA PHE B 498 21.33 -20.60 29.20
C PHE B 498 21.54 -21.61 30.32
N GLY B 499 22.27 -22.70 30.06
CA GLY B 499 22.40 -23.78 31.07
C GLY B 499 23.39 -23.48 32.17
N SER B 500 23.00 -23.71 33.43
CA SER B 500 23.88 -23.38 34.58
C SER B 500 23.73 -24.42 35.70
N LEU B 501 24.74 -24.52 36.58
CA LEU B 501 24.65 -25.45 37.74
C LEU B 501 25.09 -24.73 39.03
N THR B 502 24.33 -24.87 40.12
CA THR B 502 24.78 -24.29 41.42
C THR B 502 25.65 -25.35 42.12
N GLN B 503 26.75 -25.75 41.51
CA GLN B 503 27.57 -26.86 42.09
C GLN B 503 28.36 -26.41 43.32
N ILE B 504 28.48 -25.11 43.59
CA ILE B 504 29.35 -24.66 44.71
C ILE B 504 28.53 -24.73 46.00
N ASN B 505 28.21 -25.94 46.48
CA ASN B 505 27.31 -26.03 47.65
C ASN B 505 27.96 -25.37 48.87
N THR B 506 29.21 -25.69 49.16
CA THR B 506 29.80 -25.12 50.40
C THR B 506 31.31 -25.34 50.43
N THR B 507 32.01 -24.57 51.26
CA THR B 507 33.45 -24.79 51.48
C THR B 507 33.65 -24.62 52.98
N LEU B 508 32.73 -25.16 53.78
CA LEU B 508 32.79 -24.88 55.23
C LEU B 508 33.79 -25.78 55.94
N LEU B 509 35.05 -25.34 56.01
CA LEU B 509 36.03 -26.11 56.83
C LEU B 509 35.46 -26.00 58.24
N ASP B 510 35.42 -27.11 58.96
CA ASP B 510 34.76 -27.08 60.28
C ASP B 510 35.59 -27.91 61.25
N LEU B 511 35.24 -27.84 62.54
CA LEU B 511 35.96 -28.64 63.57
C LEU B 511 37.40 -28.15 63.63
N THR B 512 37.61 -26.89 63.29
CA THR B 512 38.96 -26.30 63.46
C THR B 512 39.09 -26.10 64.97
N TYR B 513 38.00 -26.34 65.70
CA TYR B 513 37.97 -26.21 67.17
C TYR B 513 38.93 -27.22 67.77
N GLU B 514 39.33 -28.23 67.00
CA GLU B 514 40.35 -29.18 67.52
C GLU B 514 41.62 -28.38 67.79
N MET B 515 41.79 -27.23 67.13
CA MET B 515 42.95 -26.37 67.45
C MET B 515 42.84 -25.95 68.91
N LEU B 516 41.63 -25.67 69.38
CA LEU B 516 41.43 -25.34 70.81
C LEU B 516 41.80 -26.56 71.65
N SER B 517 41.45 -27.76 71.19
CA SER B 517 41.84 -28.98 71.93
C SER B 517 43.38 -29.06 71.96
N LEU B 518 44.01 -28.74 70.84
CA LEU B 518 45.50 -28.72 70.80
C LEU B 518 45.97 -27.67 71.80
N GLN B 519 45.25 -26.55 71.87
CA GLN B 519 45.64 -25.46 72.79
C GLN B 519 45.59 -26.01 74.21
N GLN B 520 44.57 -26.83 74.51
CA GLN B 520 44.42 -27.38 75.88
C GLN B 520 45.65 -28.23 76.17
N VAL B 521 46.12 -28.96 75.17
CA VAL B 521 47.31 -29.83 75.36
C VAL B 521 48.49 -28.92 75.70
N VAL B 522 48.61 -27.80 74.98
CA VAL B 522 49.71 -26.85 75.25
C VAL B 522 49.51 -26.31 76.67
N LYS B 523 48.27 -26.02 77.04
CA LYS B 523 47.97 -25.44 78.37
C LYS B 523 48.38 -26.45 79.46
N ALA B 524 48.16 -27.74 79.20
CA ALA B 524 48.46 -28.76 80.22
C ALA B 524 49.97 -28.72 80.53
N LEU B 525 50.78 -28.54 79.49
CA LEU B 525 52.25 -28.53 79.70
C LEU B 525 52.73 -27.12 80.01
N ASN B 526 51.97 -26.10 79.59
CA ASN B 526 52.36 -24.74 80.02
C ASN B 526 52.21 -24.69 81.54
N GLU B 527 53.26 -24.27 82.25
CA GLU B 527 53.23 -24.13 83.74
C GLU B 527 53.35 -25.52 84.39
N SER B 528 53.32 -26.60 83.59
CA SER B 528 53.55 -27.95 84.17
C SER B 528 54.97 -28.00 84.70
N TYR B 529 55.91 -27.41 83.97
CA TYR B 529 57.30 -27.33 84.46
C TYR B 529 57.41 -26.15 85.43
N VAL C 19 -46.40 33.75 -27.52
CA VAL C 19 -46.72 33.24 -26.16
C VAL C 19 -46.27 34.29 -25.17
N ASP C 20 -46.37 33.98 -23.90
CA ASP C 20 -45.89 34.90 -22.84
C ASP C 20 -45.08 34.05 -21.89
N GLN C 21 -43.88 33.68 -22.27
CA GLN C 21 -43.10 32.72 -21.45
C GLN C 21 -42.49 33.44 -20.24
N LEU C 22 -41.48 32.83 -19.62
CA LEU C 22 -40.90 33.43 -18.39
C LEU C 22 -40.44 34.83 -18.77
N ASN C 23 -39.84 34.98 -19.95
CA ASN C 23 -39.51 36.36 -20.40
C ASN C 23 -40.56 36.85 -21.38
N SER C 24 -40.41 38.07 -21.87
CA SER C 24 -41.45 38.66 -22.75
C SER C 24 -41.45 37.95 -24.09
N SER C 25 -42.48 38.17 -24.88
CA SER C 25 -42.59 37.44 -26.15
C SER C 25 -41.34 37.76 -26.96
N TYR C 26 -40.72 38.91 -26.71
CA TYR C 26 -39.61 39.36 -27.58
C TYR C 26 -38.26 38.72 -27.28
N PHE C 27 -37.73 37.92 -28.19
CA PHE C 27 -36.37 37.38 -28.07
C PHE C 27 -35.64 37.86 -29.32
N LYS C 28 -34.36 38.18 -29.23
CA LYS C 28 -33.68 38.77 -30.42
C LYS C 28 -32.76 37.73 -31.03
N LEU C 29 -32.85 37.49 -32.35
CA LEU C 29 -32.06 36.40 -33.00
C LEU C 29 -31.23 36.97 -34.13
N SER C 30 -30.09 36.35 -34.41
CA SER C 30 -29.26 36.78 -35.56
C SER C 30 -29.34 35.73 -36.66
N ILE C 31 -30.10 35.99 -37.74
CA ILE C 31 -30.25 35.03 -38.86
C ILE C 31 -29.06 35.23 -39.79
N PRO C 32 -28.64 34.27 -40.63
CA PRO C 32 -27.41 34.43 -41.43
C PRO C 32 -27.57 35.02 -42.82
N THR C 33 -27.06 36.23 -43.02
CA THR C 33 -27.13 36.89 -44.35
C THR C 33 -26.23 36.26 -45.43
N ASN C 34 -24.95 35.94 -45.16
CA ASN C 34 -24.03 35.44 -46.21
C ASN C 34 -23.13 34.34 -45.67
N PHE C 35 -22.74 33.40 -46.52
CA PHE C 35 -21.95 32.24 -46.05
C PHE C 35 -20.61 32.15 -46.79
N SER C 36 -19.59 31.52 -46.21
CA SER C 36 -18.26 31.35 -46.84
C SER C 36 -17.84 29.90 -46.67
N PHE C 37 -17.06 29.33 -47.59
CA PHE C 37 -16.76 27.87 -47.54
C PHE C 37 -15.69 27.56 -46.51
N GLY C 38 -15.86 26.49 -45.72
CA GLY C 38 -14.90 26.20 -44.62
C GLY C 38 -14.41 24.77 -44.57
N VAL C 39 -13.09 24.55 -44.48
CA VAL C 39 -12.49 23.18 -44.48
C VAL C 39 -11.96 22.90 -43.09
N THR C 40 -12.34 21.79 -42.48
CA THR C 40 -11.80 21.43 -41.15
C THR C 40 -11.05 20.11 -41.27
N GLN C 41 -9.81 19.98 -40.78
CA GLN C 41 -9.10 18.68 -40.80
C GLN C 41 -9.10 18.13 -39.40
N GLU C 42 -9.70 16.96 -39.15
CA GLU C 42 -9.81 16.48 -37.76
C GLU C 42 -9.24 15.08 -37.59
N TYR C 43 -8.48 14.84 -36.52
CA TYR C 43 -7.97 13.48 -36.21
C TYR C 43 -8.72 12.95 -34.99
N ILE C 44 -9.63 12.00 -35.16
CA ILE C 44 -10.30 11.38 -33.99
C ILE C 44 -9.47 10.15 -33.64
N GLN C 45 -8.85 10.08 -32.46
CA GLN C 45 -7.92 8.96 -32.12
C GLN C 45 -8.70 7.73 -31.70
N THR C 46 -8.39 6.58 -32.28
CA THR C 46 -9.10 5.32 -31.96
C THR C 46 -8.10 4.25 -31.50
N THR C 47 -6.86 4.63 -31.17
CA THR C 47 -5.82 3.62 -30.81
C THR C 47 -5.09 3.94 -29.52
N ILE C 48 -5.05 3.00 -28.58
CA ILE C 48 -4.23 3.12 -27.34
C ILE C 48 -3.58 1.75 -27.16
N GLN C 49 -2.26 1.65 -27.28
CA GLN C 49 -1.64 0.30 -27.23
C GLN C 49 -1.90 -0.29 -25.85
N LYS C 50 -2.24 -1.57 -25.77
CA LYS C 50 -2.56 -2.19 -24.45
C LYS C 50 -1.25 -2.29 -23.67
N VAL C 51 -1.30 -2.27 -22.34
CA VAL C 51 -0.01 -2.26 -21.59
C VAL C 51 0.10 -3.45 -20.67
N THR C 52 1.28 -4.05 -20.63
CA THR C 52 1.54 -5.18 -19.71
C THR C 52 2.49 -4.66 -18.62
N VAL C 53 2.11 -4.81 -17.34
CA VAL C 53 2.94 -4.28 -16.22
C VAL C 53 3.75 -5.45 -15.68
N ASP C 54 5.06 -5.43 -15.81
CA ASP C 54 5.86 -6.51 -15.16
C ASP C 54 6.26 -5.95 -13.81
N CYS C 55 5.59 -6.42 -12.78
CA CYS C 55 5.81 -5.82 -11.45
C CYS C 55 7.21 -6.01 -10.93
N LYS C 56 7.82 -7.17 -11.14
CA LYS C 56 9.18 -7.28 -10.57
C LYS C 56 10.04 -6.17 -11.17
N GLN C 57 9.94 -5.90 -12.48
CA GLN C 57 10.71 -4.79 -13.13
C GLN C 57 10.17 -3.40 -12.76
N TYR C 58 8.87 -3.17 -12.88
CA TYR C 58 8.36 -1.79 -12.64
C TYR C 58 8.52 -1.46 -11.17
N VAL C 59 8.04 -2.35 -10.31
CA VAL C 59 8.07 -2.03 -8.86
C VAL C 59 9.53 -1.99 -8.45
N CYS C 60 10.38 -2.85 -9.01
CA CYS C 60 11.80 -2.72 -8.61
C CYS C 60 12.82 -3.24 -9.64
N ASN C 61 13.32 -4.46 -9.49
CA ASN C 61 14.37 -5.05 -10.38
C ASN C 61 15.72 -4.55 -9.92
N GLY C 62 15.74 -3.79 -8.84
CA GLY C 62 17.00 -3.20 -8.36
C GLY C 62 17.64 -4.03 -7.28
N PHE C 63 17.72 -3.54 -6.04
CA PHE C 63 18.26 -4.43 -4.98
C PHE C 63 17.39 -5.70 -5.02
N GLN C 64 17.98 -6.90 -5.07
CA GLN C 64 17.20 -8.15 -5.23
C GLN C 64 16.37 -8.31 -3.97
N LYS C 65 16.73 -7.53 -2.94
CA LYS C 65 15.93 -7.57 -1.70
C LYS C 65 14.51 -7.20 -2.13
N CYS C 66 14.40 -6.30 -3.11
CA CYS C 66 13.04 -6.00 -3.61
C CYS C 66 12.45 -7.24 -4.27
N GLU C 67 13.24 -8.02 -5.00
CA GLU C 67 12.62 -9.15 -5.72
C GLU C 67 12.04 -10.16 -4.72
N GLN C 68 12.82 -10.51 -3.70
CA GLN C 68 12.36 -11.49 -2.70
C GLN C 68 11.19 -10.87 -1.96
N LEU C 69 11.31 -9.61 -1.58
CA LEU C 69 10.26 -8.97 -0.76
C LEU C 69 8.95 -8.93 -1.56
N LEU C 70 9.02 -8.61 -2.85
CA LEU C 70 7.81 -8.56 -3.70
C LEU C 70 7.20 -9.96 -3.75
N ARG C 71 8.01 -11.02 -3.73
CA ARG C 71 7.43 -12.38 -3.87
C ARG C 71 6.48 -12.60 -2.69
N GLU C 72 6.88 -12.17 -1.51
CA GLU C 72 5.96 -12.29 -0.36
C GLU C 72 4.77 -11.39 -0.63
N TYR C 73 4.97 -10.32 -1.39
CA TYR C 73 3.90 -9.30 -1.53
C TYR C 73 2.63 -9.89 -2.13
N GLY C 74 2.77 -10.82 -3.06
CA GLY C 74 1.52 -11.47 -3.50
C GLY C 74 1.33 -11.60 -4.98
N GLN C 75 0.07 -11.74 -5.41
CA GLN C 75 -0.27 -11.87 -6.84
C GLN C 75 -0.87 -10.55 -7.33
N PHE C 76 -0.42 -9.43 -6.76
CA PHE C 76 -0.94 -8.11 -7.15
C PHE C 76 -0.71 -7.99 -8.66
N CYS C 77 0.42 -8.44 -9.15
CA CYS C 77 0.71 -8.26 -10.60
C CYS C 77 -0.33 -9.01 -11.41
N SER C 78 -0.72 -10.20 -10.97
CA SER C 78 -1.69 -10.92 -11.83
C SER C 78 -3.00 -10.14 -11.88
N LYS C 79 -3.49 -9.69 -10.73
CA LYS C 79 -4.82 -9.02 -10.76
C LYS C 79 -4.74 -7.68 -11.50
N ILE C 80 -3.70 -6.87 -11.28
CA ILE C 80 -3.71 -5.55 -11.91
C ILE C 80 -3.73 -5.80 -13.41
N ASN C 81 -2.96 -6.78 -13.86
CA ASN C 81 -2.91 -7.10 -15.31
C ASN C 81 -4.28 -7.58 -15.78
N GLN C 82 -5.04 -8.28 -14.95
CA GLN C 82 -6.40 -8.65 -15.40
C GLN C 82 -7.20 -7.39 -15.67
N ALA C 83 -7.13 -6.38 -14.79
CA ALA C 83 -7.97 -5.19 -15.02
C ALA C 83 -7.54 -4.50 -16.30
N LEU C 84 -6.24 -4.31 -16.49
CA LEU C 84 -5.71 -3.62 -17.69
C LEU C 84 -6.01 -4.44 -18.95
N HIS C 85 -5.91 -5.78 -18.88
CA HIS C 85 -6.21 -6.66 -20.05
C HIS C 85 -7.69 -6.50 -20.39
N GLY C 86 -8.48 -6.08 -19.43
CA GLY C 86 -9.89 -5.81 -19.76
C GLY C 86 -9.91 -4.74 -20.82
N ALA C 87 -9.00 -3.77 -20.72
CA ALA C 87 -8.87 -2.76 -21.80
C ALA C 87 -7.90 -3.30 -22.85
N GLN C 236 71.61 -39.05 97.17
CA GLN C 236 71.61 -39.92 95.96
C GLN C 236 70.17 -40.22 95.54
N GLN C 237 69.33 -40.64 96.49
CA GLN C 237 67.92 -41.01 96.17
C GLN C 237 67.14 -39.74 95.81
N VAL C 238 67.42 -38.62 96.48
CA VAL C 238 66.76 -37.32 96.13
C VAL C 238 67.20 -36.91 94.73
N LEU C 239 68.46 -37.13 94.36
CA LEU C 239 68.93 -36.83 92.99
C LEU C 239 68.17 -37.73 92.01
N SER C 240 67.95 -39.00 92.38
CA SER C 240 67.15 -39.92 91.54
C SER C 240 65.72 -39.37 91.45
N GLU C 241 65.20 -38.82 92.56
CA GLU C 241 63.86 -38.18 92.54
C GLU C 241 63.88 -36.98 91.61
N ASN C 242 65.02 -36.27 91.54
CA ASN C 242 65.13 -35.15 90.56
C ASN C 242 65.07 -35.76 89.16
N GLN C 243 65.69 -36.93 88.98
CA GLN C 243 65.59 -37.63 87.66
C GLN C 243 64.13 -38.03 87.44
N LYS C 244 63.45 -38.51 88.48
CA LYS C 244 62.02 -38.87 88.36
C LYS C 244 61.22 -37.59 88.07
N LEU C 245 61.62 -36.47 88.67
CA LEU C 245 60.95 -35.18 88.40
C LEU C 245 61.15 -34.86 86.92
N ILE C 246 62.38 -35.06 86.42
CA ILE C 246 62.65 -34.82 84.99
C ILE C 246 61.85 -35.82 84.17
N ALA C 247 61.79 -37.08 84.61
CA ALA C 247 61.06 -38.12 83.89
C ALA C 247 59.57 -37.76 83.86
N ASN C 248 59.03 -37.28 84.98
CA ASN C 248 57.61 -36.87 85.03
C ASN C 248 57.40 -35.70 84.08
N LYS C 249 58.34 -34.73 84.09
CA LYS C 249 58.23 -33.59 83.14
C LYS C 249 58.30 -34.15 81.73
N PHE C 250 59.25 -35.07 81.51
CA PHE C 250 59.43 -35.67 80.16
C PHE C 250 58.16 -36.44 79.79
N ASN C 251 57.60 -37.21 80.72
CA ASN C 251 56.42 -38.04 80.35
C ASN C 251 55.31 -37.09 79.92
N GLN C 252 55.08 -36.04 80.71
CA GLN C 252 54.00 -35.09 80.38
C GLN C 252 54.34 -34.39 79.07
N ALA C 253 55.59 -33.93 78.95
CA ALA C 253 55.97 -33.16 77.74
C ALA C 253 55.86 -34.05 76.52
N LEU C 254 56.35 -35.29 76.61
CA LEU C 254 56.37 -36.13 75.40
C LEU C 254 54.92 -36.37 74.98
N GLY C 255 54.06 -36.70 75.94
CA GLY C 255 52.67 -37.00 75.57
C GLY C 255 52.04 -35.78 74.94
N ALA C 256 52.29 -34.61 75.54
CA ALA C 256 51.70 -33.36 75.03
C ALA C 256 52.22 -33.11 73.61
N MET C 257 53.50 -33.34 73.37
CA MET C 257 54.04 -32.98 72.04
C MET C 257 53.26 -33.79 71.01
N GLN C 258 53.07 -35.08 71.27
CA GLN C 258 52.40 -35.92 70.25
C GLN C 258 50.97 -35.45 70.07
N THR C 259 50.26 -35.14 71.16
CA THR C 259 48.82 -34.79 71.00
C THR C 259 48.69 -33.51 70.17
N GLY C 260 49.53 -32.52 70.46
CA GLY C 260 49.44 -31.26 69.70
C GLY C 260 49.76 -31.54 68.26
N PHE C 261 50.80 -32.34 68.03
CA PHE C 261 51.18 -32.69 66.65
C PHE C 261 50.04 -33.45 66.00
N THR C 262 49.39 -34.32 66.77
CA THR C 262 48.33 -35.17 66.17
C THR C 262 47.21 -34.25 65.70
N THR C 263 46.88 -33.25 66.53
CA THR C 263 45.84 -32.29 66.10
C THR C 263 46.38 -31.58 64.87
N THR C 264 47.66 -31.25 64.86
CA THR C 264 48.22 -30.48 63.73
C THR C 264 48.04 -31.33 62.48
N ASN C 265 48.33 -32.62 62.63
CA ASN C 265 48.19 -33.52 61.46
C ASN C 265 46.73 -33.55 61.05
N GLU C 266 45.83 -33.71 62.01
CA GLU C 266 44.40 -33.86 61.66
C GLU C 266 43.93 -32.58 61.00
N ALA C 267 44.26 -31.45 61.60
CA ALA C 267 43.75 -30.17 61.08
C ALA C 267 44.33 -29.88 59.71
N PHE C 268 45.64 -30.03 59.54
CA PHE C 268 46.24 -29.66 58.25
C PHE C 268 45.68 -30.60 57.19
N GLN C 269 45.55 -31.88 57.55
CA GLN C 269 44.96 -32.86 56.61
C GLN C 269 43.56 -32.36 56.28
N LYS C 270 42.79 -32.00 57.31
CA LYS C 270 41.40 -31.56 57.07
C LYS C 270 41.46 -30.31 56.19
N VAL C 271 42.42 -29.43 56.48
CA VAL C 271 42.51 -28.16 55.73
C VAL C 271 42.78 -28.50 54.27
N GLN C 272 43.67 -29.47 54.01
CA GLN C 272 44.07 -29.73 52.61
C GLN C 272 42.85 -30.14 51.80
N ASP C 273 42.06 -31.05 52.34
CA ASP C 273 40.93 -31.53 51.53
C ASP C 273 40.02 -30.33 51.31
N ALA C 274 39.78 -29.55 52.37
CA ALA C 274 38.84 -28.43 52.25
C ALA C 274 39.36 -27.39 51.28
N VAL C 275 40.63 -27.02 51.41
CA VAL C 275 41.12 -25.91 50.54
C VAL C 275 41.06 -26.45 49.12
N ASN C 276 41.42 -27.73 48.95
CA ASN C 276 41.36 -28.33 47.61
C ASN C 276 39.89 -28.38 47.17
N ASN C 277 38.98 -28.65 48.11
CA ASN C 277 37.54 -28.70 47.77
C ASN C 277 37.15 -27.32 47.28
N ASN C 278 37.63 -26.28 47.96
CA ASN C 278 37.33 -24.91 47.55
C ASN C 278 37.91 -24.69 46.16
N ALA C 279 39.12 -25.17 45.93
CA ALA C 279 39.79 -24.91 44.65
C ALA C 279 38.99 -25.53 43.51
N GLN C 280 38.55 -26.77 43.69
CA GLN C 280 37.81 -27.46 42.60
C GLN C 280 36.56 -26.62 42.40
N ALA C 281 35.99 -26.18 43.50
CA ALA C 281 34.72 -25.43 43.38
C ALA C 281 35.00 -24.20 42.54
N LEU C 282 36.11 -23.53 42.84
CA LEU C 282 36.40 -22.30 42.08
C LEU C 282 36.61 -22.70 40.63
N SER C 283 37.36 -23.78 40.40
CA SER C 283 37.68 -24.13 39.00
C SER C 283 36.41 -24.47 38.23
N LYS C 284 35.54 -25.28 38.83
CA LYS C 284 34.35 -25.72 38.07
C LYS C 284 33.48 -24.52 37.78
N LEU C 285 33.28 -23.67 38.78
CA LEU C 285 32.32 -22.57 38.56
C LEU C 285 32.87 -21.71 37.44
N ALA C 286 34.17 -21.48 37.45
CA ALA C 286 34.72 -20.57 36.43
C ALA C 286 34.51 -21.18 35.05
N SER C 287 34.77 -22.47 34.91
CA SER C 287 34.67 -23.07 33.57
C SER C 287 33.23 -22.95 33.09
N GLU C 288 32.30 -23.34 33.96
CA GLU C 288 30.87 -23.27 33.58
C GLU C 288 30.57 -21.80 33.29
N LEU C 289 31.17 -20.91 34.07
CA LEU C 289 30.81 -19.49 33.85
C LEU C 289 31.24 -19.16 32.43
N SER C 290 32.42 -19.62 32.00
CA SER C 290 32.88 -19.21 30.65
C SER C 290 31.91 -19.74 29.60
N ASN C 291 31.50 -21.00 29.73
CA ASN C 291 30.64 -21.57 28.67
C ASN C 291 29.32 -20.82 28.65
N THR C 292 28.76 -20.50 29.81
CA THR C 292 27.43 -19.86 29.78
C THR C 292 27.56 -18.53 29.06
N PHE C 293 28.61 -17.78 29.37
CA PHE C 293 28.73 -16.42 28.77
C PHE C 293 28.83 -16.57 27.26
N GLY C 294 29.59 -17.54 26.78
CA GLY C 294 29.78 -17.66 25.33
C GLY C 294 28.42 -17.94 24.72
N ALA C 295 27.64 -18.77 25.38
CA ALA C 295 26.28 -19.06 24.91
C ALA C 295 25.42 -17.79 25.00
N ILE C 296 25.61 -16.99 26.05
CA ILE C 296 24.85 -15.71 26.14
C ILE C 296 25.24 -14.93 24.90
N SER C 297 26.52 -14.93 24.55
CA SER C 297 26.97 -14.19 23.35
C SER C 297 26.29 -14.80 22.12
N ALA C 298 26.19 -16.13 22.07
CA ALA C 298 25.64 -16.74 20.85
C ALA C 298 24.19 -16.28 20.71
N SER C 299 23.42 -16.37 21.79
CA SER C 299 22.00 -16.03 21.65
C SER C 299 21.90 -14.54 21.31
N ILE C 300 22.65 -13.73 22.04
CA ILE C 300 22.56 -12.25 21.83
C ILE C 300 23.03 -11.94 20.42
N GLY C 301 24.10 -12.60 19.96
CA GLY C 301 24.63 -12.26 18.63
C GLY C 301 23.62 -12.53 17.54
N ASP C 302 22.97 -13.68 17.61
CA ASP C 302 22.01 -14.02 16.55
C ASP C 302 20.83 -13.06 16.63
N ILE C 303 20.42 -12.71 17.85
CA ILE C 303 19.21 -11.84 17.98
C ILE C 303 19.53 -10.55 17.25
N ILE C 304 20.73 -10.02 17.44
CA ILE C 304 21.04 -8.70 16.84
C ILE C 304 20.95 -8.84 15.32
N GLN C 305 21.53 -9.91 14.77
CA GLN C 305 21.53 -10.01 13.29
C GLN C 305 20.08 -10.16 12.81
N ARG C 306 19.31 -10.99 13.52
CA ARG C 306 17.89 -11.17 13.12
C ARG C 306 17.19 -9.82 13.27
N LEU C 307 17.55 -9.05 14.30
CA LEU C 307 16.95 -7.71 14.48
C LEU C 307 17.37 -6.87 13.28
N ASP C 308 18.62 -6.97 12.87
CA ASP C 308 19.06 -6.09 11.77
C ASP C 308 18.29 -6.41 10.50
N VAL C 309 18.09 -7.69 10.17
CA VAL C 309 17.40 -7.97 8.90
C VAL C 309 16.02 -7.35 9.03
N LEU C 310 15.39 -7.48 10.20
CA LEU C 310 14.02 -6.96 10.40
C LEU C 310 14.01 -5.45 10.21
N GLU C 311 14.99 -4.72 10.76
CA GLU C 311 15.05 -3.24 10.56
C GLU C 311 15.35 -2.89 9.09
N GLN C 312 16.31 -3.55 8.44
CA GLN C 312 16.71 -3.24 7.03
C GLN C 312 15.58 -3.59 6.08
N ASP C 313 14.92 -4.71 6.34
CA ASP C 313 13.82 -5.16 5.44
C ASP C 313 12.73 -4.10 5.47
N ALA C 314 12.46 -3.50 6.62
CA ALA C 314 11.33 -2.57 6.64
C ALA C 314 11.57 -1.44 5.65
N GLN C 315 12.76 -0.86 5.58
CA GLN C 315 12.89 0.30 4.66
C GLN C 315 12.64 -0.17 3.23
N ILE C 316 13.17 -1.32 2.87
CA ILE C 316 12.90 -1.85 1.51
C ILE C 316 11.40 -2.09 1.43
N ASP C 317 10.77 -2.53 2.51
CA ASP C 317 9.29 -2.67 2.49
C ASP C 317 8.60 -1.30 2.35
N ARG C 318 9.05 -0.26 3.03
CA ARG C 318 8.32 1.01 2.83
C ARG C 318 8.50 1.42 1.38
N LEU C 319 9.72 1.35 0.82
CA LEU C 319 9.84 1.84 -0.58
C LEU C 319 8.99 0.97 -1.50
N ILE C 320 9.02 -0.34 -1.36
CA ILE C 320 8.27 -1.17 -2.34
C ILE C 320 6.83 -0.71 -2.19
N ASN C 321 6.34 -0.52 -0.97
CA ASN C 321 4.89 -0.16 -0.83
C ASN C 321 4.69 1.19 -1.50
N GLY C 322 5.66 2.08 -1.41
CA GLY C 322 5.55 3.42 -2.02
C GLY C 322 5.46 3.36 -3.53
N ARG C 323 6.31 2.57 -4.16
CA ARG C 323 6.26 2.44 -5.63
C ARG C 323 4.93 1.80 -6.02
N LEU C 324 4.45 0.82 -5.25
CA LEU C 324 3.14 0.20 -5.55
C LEU C 324 2.01 1.23 -5.45
N THR C 325 2.07 2.18 -4.53
CA THR C 325 1.00 3.20 -4.53
C THR C 325 0.96 3.93 -5.87
N THR C 326 2.12 4.18 -6.50
CA THR C 326 2.15 4.89 -7.80
C THR C 326 1.66 3.97 -8.90
N LEU C 327 1.92 2.66 -8.83
CA LEU C 327 1.35 1.76 -9.84
C LEU C 327 -0.17 1.83 -9.77
N ASN C 328 -0.77 1.80 -8.59
CA ASN C 328 -2.26 1.77 -8.58
C ASN C 328 -2.79 3.03 -9.26
N ALA C 329 -2.17 4.19 -8.99
CA ALA C 329 -2.58 5.47 -9.61
C ALA C 329 -2.26 5.47 -11.10
N PHE C 330 -1.10 4.97 -11.50
CA PHE C 330 -0.84 4.87 -12.96
C PHE C 330 -1.72 3.82 -13.61
N VAL C 331 -2.00 2.67 -12.99
CA VAL C 331 -2.96 1.73 -13.64
C VAL C 331 -4.30 2.44 -13.74
N ALA C 332 -4.67 3.24 -12.77
CA ALA C 332 -5.92 4.02 -12.94
C ALA C 332 -5.79 5.00 -14.12
N GLN C 333 -4.67 5.71 -14.29
CA GLN C 333 -4.65 6.59 -15.48
C GLN C 333 -4.75 5.72 -16.72
N GLN C 334 -4.00 4.63 -16.81
CA GLN C 334 -4.13 3.87 -18.07
C GLN C 334 -5.55 3.33 -18.19
N LEU C 335 -6.20 2.93 -17.10
CA LEU C 335 -7.60 2.46 -17.28
C LEU C 335 -8.55 3.59 -17.74
N VAL C 336 -8.44 4.80 -17.16
CA VAL C 336 -9.30 5.95 -17.59
C VAL C 336 -8.96 6.41 -19.02
N ARG C 337 -7.69 6.45 -19.39
CA ARG C 337 -7.36 6.82 -20.78
C ARG C 337 -7.98 5.78 -21.71
N SER C 338 -7.92 4.49 -21.37
CA SER C 338 -8.43 3.50 -22.33
C SER C 338 -9.94 3.66 -22.57
N GLU C 339 -10.76 3.82 -21.53
CA GLU C 339 -12.20 4.03 -21.83
C GLU C 339 -12.38 5.33 -22.59
N SER C 340 -11.62 6.37 -22.24
CA SER C 340 -11.85 7.67 -22.89
C SER C 340 -11.62 7.50 -24.39
N ALA C 341 -10.60 6.75 -24.77
CA ALA C 341 -10.41 6.50 -26.22
C ALA C 341 -11.60 5.69 -26.74
N ALA C 342 -12.13 4.77 -25.94
CA ALA C 342 -13.24 3.93 -26.46
C ALA C 342 -14.47 4.78 -26.77
N LEU C 343 -14.80 5.76 -25.94
CA LEU C 343 -15.94 6.63 -26.31
C LEU C 343 -15.53 7.34 -27.60
N SER C 344 -14.25 7.71 -27.72
CA SER C 344 -13.83 8.48 -28.91
C SER C 344 -14.05 7.66 -30.17
N ALA C 345 -13.87 6.34 -30.10
CA ALA C 345 -14.17 5.58 -31.33
C ALA C 345 -15.65 5.63 -31.65
N GLN C 346 -16.55 5.68 -30.66
CA GLN C 346 -17.97 5.83 -31.02
C GLN C 346 -18.17 7.17 -31.71
N LEU C 347 -17.51 8.23 -31.26
CA LEU C 347 -17.65 9.50 -32.00
C LEU C 347 -17.13 9.25 -33.41
N ALA C 348 -15.99 8.57 -33.54
CA ALA C 348 -15.40 8.37 -34.89
C ALA C 348 -16.32 7.47 -35.72
N LYS C 349 -16.89 6.43 -35.13
CA LYS C 349 -17.86 5.61 -35.90
C LYS C 349 -19.02 6.52 -36.27
N ASP C 350 -19.46 7.35 -35.34
CA ASP C 350 -20.64 8.18 -35.63
C ASP C 350 -20.27 9.12 -36.77
N LYS C 351 -19.13 9.78 -36.71
CA LYS C 351 -18.89 10.74 -37.81
C LYS C 351 -18.80 9.93 -39.10
N VAL C 352 -18.21 8.74 -39.09
CA VAL C 352 -18.05 8.04 -40.40
C VAL C 352 -19.43 7.76 -40.98
N ASN C 353 -20.39 7.29 -40.18
CA ASN C 353 -21.77 7.01 -40.67
C ASN C 353 -22.59 8.28 -40.97
N GLU C 354 -22.48 9.32 -40.14
CA GLU C 354 -23.34 10.52 -40.31
C GLU C 354 -22.60 11.64 -41.01
N CYS C 355 -21.38 11.40 -41.50
CA CYS C 355 -20.65 12.43 -42.27
C CYS C 355 -20.05 11.86 -43.55
N VAL C 356 -19.04 11.02 -43.46
CA VAL C 356 -18.40 10.58 -44.73
C VAL C 356 -19.41 9.89 -45.62
N LYS C 357 -20.28 9.05 -45.05
CA LYS C 357 -21.21 8.24 -45.89
C LYS C 357 -22.53 8.96 -46.17
N ALA C 358 -22.77 10.14 -45.58
CA ALA C 358 -24.01 10.89 -45.95
C ALA C 358 -23.89 12.37 -45.63
N GLN C 359 -24.67 13.22 -46.31
CA GLN C 359 -24.70 14.65 -45.94
C GLN C 359 -25.38 14.74 -44.57
N SER C 360 -24.88 15.59 -43.66
CA SER C 360 -25.44 15.63 -42.29
C SER C 360 -26.22 16.91 -42.05
N LYS C 361 -27.50 16.79 -41.71
CA LYS C 361 -28.34 17.98 -41.44
C LYS C 361 -27.80 18.72 -40.21
N ARG C 362 -27.37 18.00 -39.16
CA ARG C 362 -26.93 18.68 -37.92
C ARG C 362 -25.70 19.53 -38.24
N SER C 363 -25.66 20.78 -37.81
CA SER C 363 -24.44 21.62 -38.00
C SER C 363 -23.44 21.20 -36.95
N GLY C 364 -22.21 21.69 -37.01
CA GLY C 364 -21.30 21.39 -35.91
C GLY C 364 -20.98 19.92 -35.75
N PHE C 365 -21.35 19.10 -36.72
CA PHE C 365 -20.92 17.68 -36.71
C PHE C 365 -20.27 17.49 -38.07
N CYS C 366 -19.04 17.98 -38.22
CA CYS C 366 -18.28 17.97 -39.49
C CYS C 366 -18.38 19.35 -40.15
N GLY C 367 -17.53 20.27 -39.71
CA GLY C 367 -17.47 21.61 -40.31
C GLY C 367 -18.37 22.60 -39.59
N GLN C 368 -17.96 23.86 -39.51
CA GLN C 368 -18.87 24.86 -38.94
C GLN C 368 -19.88 25.11 -40.06
N GLY C 369 -21.15 25.29 -39.76
CA GLY C 369 -22.11 25.46 -40.87
C GLY C 369 -22.42 24.09 -41.44
N THR C 370 -23.23 23.99 -42.48
CA THR C 370 -23.64 22.64 -42.94
C THR C 370 -22.49 21.93 -43.65
N HIS C 371 -22.64 20.64 -43.96
CA HIS C 371 -21.58 19.87 -44.66
C HIS C 371 -21.97 19.65 -46.13
N ILE C 372 -21.05 19.89 -47.08
CA ILE C 372 -21.31 19.68 -48.54
C ILE C 372 -20.47 18.50 -49.00
N VAL C 373 -19.79 17.79 -48.10
CA VAL C 373 -19.05 16.54 -48.42
C VAL C 373 -18.27 16.20 -47.17
N SER C 374 -17.50 15.12 -47.15
CA SER C 374 -16.60 14.85 -45.99
C SER C 374 -15.61 13.72 -46.26
N PHE C 375 -14.62 13.90 -47.10
CA PHE C 375 -13.75 12.75 -47.39
C PHE C 375 -12.96 12.40 -46.12
N VAL C 376 -12.67 11.14 -45.87
CA VAL C 376 -11.93 10.70 -44.65
C VAL C 376 -10.71 9.93 -45.13
N VAL C 377 -9.63 9.84 -44.33
CA VAL C 377 -8.46 9.01 -44.72
C VAL C 377 -7.96 8.38 -43.45
N ASN C 378 -7.38 7.18 -43.49
CA ASN C 378 -6.80 6.61 -42.23
C ASN C 378 -5.51 7.33 -41.89
N ALA C 379 -5.18 7.49 -40.60
CA ALA C 379 -4.00 8.28 -40.19
C ALA C 379 -3.20 7.45 -39.20
N PRO C 380 -2.03 7.88 -38.66
CA PRO C 380 -1.17 6.99 -37.87
C PRO C 380 -1.78 6.19 -36.72
N ASN C 381 -2.61 6.81 -35.87
CA ASN C 381 -3.28 5.97 -34.85
C ASN C 381 -4.79 6.05 -35.03
N GLY C 382 -5.28 7.10 -35.69
CA GLY C 382 -6.74 7.29 -35.78
C GLY C 382 -7.16 7.87 -37.10
N LEU C 383 -8.45 7.97 -37.37
CA LEU C 383 -8.91 8.43 -38.70
C LEU C 383 -8.75 9.94 -38.81
N TYR C 384 -8.23 10.45 -39.92
CA TYR C 384 -8.11 11.91 -40.14
C TYR C 384 -9.17 12.34 -41.16
N PHE C 385 -10.15 13.17 -40.78
CA PHE C 385 -11.27 13.50 -41.68
C PHE C 385 -11.12 14.90 -42.24
N MET C 386 -11.06 15.09 -43.55
CA MET C 386 -11.01 16.45 -44.11
C MET C 386 -12.41 16.96 -44.47
N HIS C 387 -13.27 17.30 -43.52
CA HIS C 387 -14.66 17.73 -43.84
C HIS C 387 -14.66 19.05 -44.60
N VAL C 388 -15.62 19.30 -45.50
CA VAL C 388 -15.74 20.60 -46.20
C VAL C 388 -17.19 21.07 -46.16
N GLY C 389 -17.50 22.28 -45.67
CA GLY C 389 -18.89 22.80 -45.72
C GLY C 389 -19.01 24.32 -45.63
N TYR C 390 -20.18 24.90 -45.95
CA TYR C 390 -20.40 26.36 -45.83
C TYR C 390 -20.60 26.80 -44.37
N TYR C 391 -20.13 27.99 -43.98
CA TYR C 391 -20.27 28.53 -42.59
C TYR C 391 -20.88 29.92 -42.68
N PRO C 392 -21.64 30.44 -41.70
CA PRO C 392 -22.17 31.80 -41.79
C PRO C 392 -21.11 32.90 -41.65
N SER C 393 -21.30 34.05 -42.31
CA SER C 393 -20.25 35.11 -42.30
C SER C 393 -20.73 36.41 -41.68
N ASN C 394 -21.86 36.95 -42.12
CA ASN C 394 -22.40 38.18 -41.48
C ASN C 394 -23.81 37.90 -41.02
N HIS C 395 -24.15 38.20 -39.77
CA HIS C 395 -25.50 37.79 -39.31
C HIS C 395 -26.40 39.02 -39.07
N ILE C 396 -27.56 39.10 -39.75
CA ILE C 396 -28.53 40.22 -39.54
C ILE C 396 -29.27 39.94 -38.23
N GLU C 397 -29.76 40.99 -37.56
CA GLU C 397 -30.44 40.80 -36.24
C GLU C 397 -31.86 41.33 -36.33
N VAL C 398 -32.83 40.59 -35.81
CA VAL C 398 -34.20 41.16 -35.82
C VAL C 398 -34.98 40.76 -34.56
N VAL C 399 -35.90 41.61 -34.08
CA VAL C 399 -36.76 41.25 -32.94
C VAL C 399 -37.53 40.06 -33.45
N SER C 400 -37.68 39.01 -32.66
CA SER C 400 -38.52 37.90 -33.14
C SER C 400 -39.40 37.41 -32.00
N ALA C 401 -40.45 36.64 -32.27
CA ALA C 401 -41.37 36.27 -31.18
C ALA C 401 -41.14 34.81 -30.79
N TYR C 402 -41.05 34.50 -29.49
CA TYR C 402 -40.73 33.12 -29.09
C TYR C 402 -41.70 32.33 -29.91
N GLY C 403 -42.93 32.81 -29.95
CA GLY C 403 -43.94 32.18 -30.79
C GLY C 403 -45.08 33.15 -31.00
N LEU C 404 -45.75 33.09 -32.12
CA LEU C 404 -46.77 34.11 -32.29
C LEU C 404 -48.11 33.48 -31.96
N CYS C 405 -48.66 33.77 -30.79
CA CYS C 405 -50.00 33.25 -30.49
C CYS C 405 -50.98 34.21 -31.13
N ASP C 406 -51.14 34.13 -32.44
CA ASP C 406 -51.98 35.17 -33.07
C ASP C 406 -53.35 35.09 -32.42
N ALA C 407 -53.79 36.20 -31.82
CA ALA C 407 -55.08 36.33 -31.10
C ALA C 407 -54.84 37.51 -30.15
N ALA C 408 -55.85 37.96 -29.42
CA ALA C 408 -55.59 39.03 -28.43
C ALA C 408 -55.27 38.35 -27.11
N ASN C 409 -54.03 37.95 -26.89
CA ASN C 409 -53.65 37.18 -25.67
C ASN C 409 -54.02 35.70 -25.97
N PRO C 410 -53.63 34.69 -25.16
CA PRO C 410 -53.86 33.29 -25.55
C PRO C 410 -55.24 32.66 -25.75
N THR C 411 -55.44 31.96 -26.87
CA THR C 411 -56.67 31.16 -27.14
C THR C 411 -56.17 29.96 -27.96
N ASN C 412 -55.74 30.22 -29.20
CA ASN C 412 -55.11 29.17 -30.06
C ASN C 412 -53.91 29.88 -30.68
N CYS C 413 -52.79 29.21 -30.91
CA CYS C 413 -51.60 29.99 -31.35
C CYS C 413 -50.84 29.37 -32.54
N ILE C 414 -49.99 30.15 -33.20
CA ILE C 414 -49.18 29.62 -34.32
C ILE C 414 -47.72 29.58 -33.85
N ALA C 415 -46.98 28.57 -34.28
CA ALA C 415 -45.58 28.39 -33.84
C ALA C 415 -44.71 28.28 -35.08
N PRO C 416 -43.54 28.94 -35.14
CA PRO C 416 -42.69 28.80 -36.27
C PRO C 416 -42.27 27.35 -36.47
N VAL C 417 -42.31 26.84 -37.69
CA VAL C 417 -41.80 25.46 -37.98
C VAL C 417 -40.69 25.57 -39.01
N ASN C 418 -39.47 25.18 -38.65
CA ASN C 418 -38.30 25.21 -39.56
C ASN C 418 -37.73 26.62 -39.62
N GLY C 419 -38.36 27.59 -38.95
CA GLY C 419 -37.73 28.92 -38.95
C GLY C 419 -38.33 29.87 -37.93
N TYR C 420 -37.55 30.82 -37.43
CA TYR C 420 -38.03 31.77 -36.42
C TYR C 420 -39.06 32.69 -37.09
N PHE C 421 -40.06 33.23 -36.37
CA PHE C 421 -41.03 34.22 -36.93
C PHE C 421 -40.50 35.61 -36.59
N ILE C 422 -40.32 36.49 -37.58
CA ILE C 422 -39.62 37.78 -37.31
C ILE C 422 -40.53 38.96 -37.58
N LYS C 423 -40.16 40.12 -37.06
CA LYS C 423 -40.96 41.33 -37.27
C LYS C 423 -40.16 42.23 -38.19
N THR C 424 -40.80 42.76 -39.22
CA THR C 424 -40.08 43.60 -40.22
C THR C 424 -39.76 44.96 -39.60
N ASN C 425 -39.01 45.80 -40.32
CA ASN C 425 -38.73 47.18 -39.83
C ASN C 425 -39.74 48.14 -40.46
N GLU C 432 -46.84 43.64 -36.66
CA GLU C 432 -46.83 42.83 -37.91
C GLU C 432 -45.88 41.67 -37.73
N TRP C 433 -46.08 40.54 -38.42
CA TRP C 433 -45.07 39.46 -38.31
C TRP C 433 -44.89 38.76 -39.67
N SER C 434 -43.66 38.36 -40.01
CA SER C 434 -43.38 37.63 -41.27
C SER C 434 -42.43 36.45 -41.01
N TYR C 435 -42.68 35.28 -41.57
CA TYR C 435 -41.86 34.07 -41.31
C TYR C 435 -40.53 34.11 -42.07
N THR C 436 -39.53 33.36 -41.59
CA THR C 436 -38.22 33.26 -42.29
C THR C 436 -37.64 31.90 -41.95
N GLY C 437 -36.74 31.39 -42.77
CA GLY C 437 -36.06 30.11 -42.48
C GLY C 437 -34.89 30.31 -41.56
N SER C 438 -34.30 29.24 -41.04
CA SER C 438 -33.10 29.41 -40.19
C SER C 438 -31.92 29.78 -41.06
N SER C 439 -31.86 29.26 -42.28
CA SER C 439 -30.68 29.49 -43.15
C SER C 439 -30.58 30.93 -43.65
N PHE C 440 -31.67 31.54 -44.06
CA PHE C 440 -31.55 32.89 -44.65
C PHE C 440 -32.65 33.82 -44.16
N TYR C 441 -32.34 35.11 -44.08
CA TYR C 441 -33.40 36.07 -43.70
C TYR C 441 -34.12 36.20 -45.02
N ALA C 442 -35.18 35.42 -45.20
CA ALA C 442 -35.96 35.45 -46.45
C ALA C 442 -37.41 35.70 -46.06
N PRO C 443 -37.80 36.95 -45.80
CA PRO C 443 -39.12 37.18 -45.29
C PRO C 443 -40.18 36.63 -46.25
N GLU C 444 -41.14 35.88 -45.72
CA GLU C 444 -42.24 35.31 -46.52
C GLU C 444 -43.50 35.43 -45.64
N PRO C 445 -44.71 35.66 -46.17
CA PRO C 445 -45.84 35.82 -45.28
C PRO C 445 -46.09 34.54 -44.47
N ILE C 446 -46.47 34.69 -43.19
CA ILE C 446 -46.77 33.51 -42.33
C ILE C 446 -47.96 32.80 -42.94
N THR C 447 -47.82 31.51 -43.21
CA THR C 447 -48.91 30.75 -43.87
C THR C 447 -48.96 29.36 -43.25
N SER C 448 -49.98 28.59 -43.57
CA SER C 448 -50.14 27.25 -42.93
C SER C 448 -48.95 26.35 -43.27
N LEU C 449 -48.25 26.60 -44.37
CA LEU C 449 -47.02 25.79 -44.67
C LEU C 449 -45.95 26.01 -43.59
N ASN C 450 -45.75 27.23 -43.11
CA ASN C 450 -44.64 27.52 -42.15
C ASN C 450 -45.05 27.33 -40.69
N THR C 451 -46.29 26.95 -40.38
CA THR C 451 -46.71 26.90 -38.95
C THR C 451 -47.43 25.62 -38.57
N LYS C 452 -47.15 25.07 -37.40
CA LYS C 452 -47.94 23.91 -36.91
C LYS C 452 -48.72 24.48 -35.73
N TYR C 453 -50.05 24.36 -35.70
CA TYR C 453 -50.78 25.07 -34.62
C TYR C 453 -50.37 24.50 -33.28
N VAL C 454 -49.84 25.35 -32.43
CA VAL C 454 -49.39 24.91 -31.09
C VAL C 454 -50.57 25.12 -30.14
N ALA C 455 -50.41 24.80 -28.87
CA ALA C 455 -51.54 24.86 -27.94
C ALA C 455 -51.74 26.28 -27.44
N PRO C 456 -52.72 26.48 -26.55
CA PRO C 456 -53.03 27.83 -26.12
C PRO C 456 -52.03 28.27 -25.08
N GLN C 457 -50.80 28.51 -25.50
CA GLN C 457 -49.80 29.07 -24.58
C GLN C 457 -49.64 28.14 -23.39
N VAL C 458 -49.80 26.84 -23.61
CA VAL C 458 -49.52 25.96 -22.46
C VAL C 458 -48.00 25.88 -22.45
N THR C 459 -47.36 26.89 -21.88
CA THR C 459 -45.89 26.91 -21.82
C THR C 459 -45.47 26.07 -20.61
N TYR C 460 -44.91 24.89 -20.84
CA TYR C 460 -44.61 24.00 -19.71
C TYR C 460 -43.12 24.08 -19.42
N GLN C 461 -42.71 24.57 -18.25
CA GLN C 461 -41.27 24.59 -17.87
C GLN C 461 -40.83 23.16 -17.58
N ASN C 462 -39.56 22.85 -17.82
CA ASN C 462 -39.10 21.50 -17.46
C ASN C 462 -37.63 21.58 -17.04
N ILE C 463 -37.34 22.17 -15.87
CA ILE C 463 -35.91 22.34 -15.50
C ILE C 463 -35.24 20.97 -15.38
N SER C 464 -34.08 20.80 -15.99
CA SER C 464 -33.29 19.54 -15.91
C SER C 464 -31.82 19.96 -15.90
N THR C 465 -30.96 19.25 -15.19
CA THR C 465 -29.56 19.72 -15.08
C THR C 465 -28.62 18.52 -15.14
N ASN C 466 -27.32 18.74 -15.37
CA ASN C 466 -26.33 17.64 -15.45
C ASN C 466 -25.22 17.89 -14.43
N LEU C 467 -24.88 16.90 -13.61
CA LEU C 467 -23.89 17.19 -12.54
C LEU C 467 -22.87 16.05 -12.32
N PRO C 468 -21.72 16.33 -11.68
CA PRO C 468 -20.69 15.32 -11.40
C PRO C 468 -20.25 15.58 -9.95
N PRO C 469 -19.64 14.64 -9.17
CA PRO C 469 -19.26 14.98 -7.76
C PRO C 469 -17.75 15.01 -7.41
N PRO C 470 -17.26 15.94 -6.57
CA PRO C 470 -15.82 16.00 -6.27
C PRO C 470 -15.55 15.54 -4.84
N LEU C 471 -14.65 14.57 -4.63
CA LEU C 471 -14.49 14.00 -3.27
C LEU C 471 -13.09 14.21 -2.67
N LEU C 472 -12.07 14.62 -3.43
CA LEU C 472 -10.70 14.68 -2.84
C LEU C 472 -10.42 16.00 -2.11
N GLY C 473 -11.00 16.20 -0.93
CA GLY C 473 -10.62 17.39 -0.13
C GLY C 473 -9.25 17.13 0.45
N ASN C 474 -8.40 18.14 0.61
CA ASN C 474 -7.02 17.86 1.06
C ASN C 474 -6.96 17.22 2.44
N SER C 475 -7.77 17.66 3.39
CA SER C 475 -7.66 17.20 4.81
C SER C 475 -7.92 15.72 5.06
N THR C 476 -8.94 15.11 4.44
CA THR C 476 -9.34 13.71 4.75
C THR C 476 -10.22 13.70 6.01
N GLY C 477 -10.70 12.52 6.44
CA GLY C 477 -11.69 12.46 7.54
C GLY C 477 -11.24 12.95 8.89
N ILE C 478 -10.03 12.59 9.30
CA ILE C 478 -9.60 12.95 10.68
C ILE C 478 -8.09 13.18 10.68
N ASP C 479 -7.56 13.80 11.73
CA ASP C 479 -6.09 13.97 11.82
C ASP C 479 -5.43 12.62 12.07
N PHE C 480 -4.17 12.48 11.70
CA PHE C 480 -3.48 11.18 11.85
C PHE C 480 -3.42 10.82 13.33
N GLN C 481 -3.17 11.79 14.21
CA GLN C 481 -2.93 11.44 15.64
C GLN C 481 -4.14 10.73 16.25
N ASP C 482 -5.35 11.22 16.01
CA ASP C 482 -6.50 10.57 16.66
C ASP C 482 -6.57 9.14 16.13
N GLU C 483 -6.41 9.00 14.81
CA GLU C 483 -6.55 7.65 14.21
C GLU C 483 -5.48 6.76 14.82
N LEU C 484 -4.27 7.29 14.98
CA LEU C 484 -3.17 6.43 15.47
C LEU C 484 -3.46 6.08 16.92
N ASP C 485 -4.01 7.01 17.72
CA ASP C 485 -4.17 6.76 19.18
C ASP C 485 -5.08 5.58 19.50
N GLU C 486 -6.17 5.40 18.77
CA GLU C 486 -7.14 4.34 19.14
C GLU C 486 -6.42 2.99 19.10
N PHE C 487 -5.43 2.82 18.22
CA PHE C 487 -4.81 1.49 18.10
C PHE C 487 -3.34 1.52 18.50
N PHE C 488 -2.72 2.68 18.54
CA PHE C 488 -1.26 2.72 18.80
C PHE C 488 -0.94 2.37 20.23
N LYS C 489 0.16 1.67 20.44
CA LYS C 489 0.64 1.44 21.81
C LYS C 489 1.95 2.21 21.85
N ASN C 490 2.11 3.16 22.77
CA ASN C 490 3.35 3.96 22.71
C ASN C 490 4.49 2.96 22.86
N VAL C 491 4.29 1.96 23.73
CA VAL C 491 5.27 0.85 23.92
C VAL C 491 6.61 1.38 24.41
N SER C 492 6.85 1.24 25.71
CA SER C 492 8.19 1.62 26.23
C SER C 492 8.84 0.34 26.72
N THR C 493 10.02 0.02 26.20
CA THR C 493 10.64 -1.27 26.58
C THR C 493 10.90 -1.20 28.07
N SER C 494 10.63 -2.30 28.77
CA SER C 494 10.97 -2.31 30.21
C SER C 494 12.45 -2.65 30.29
N ILE C 495 13.31 -1.71 29.88
CA ILE C 495 14.76 -2.01 29.84
C ILE C 495 15.17 -2.37 31.26
N PRO C 496 15.96 -3.44 31.47
CA PRO C 496 16.39 -3.71 32.83
C PRO C 496 17.90 -4.00 32.86
N ASN C 497 18.57 -3.62 33.96
CA ASN C 497 20.00 -4.00 34.10
C ASN C 497 20.00 -5.21 35.04
N PHE C 498 20.55 -6.34 34.60
CA PHE C 498 20.42 -7.53 35.46
C PHE C 498 21.12 -7.20 36.78
N GLY C 499 20.47 -7.48 37.92
CA GLY C 499 21.03 -7.07 39.23
C GLY C 499 22.26 -7.85 39.65
N SER C 500 23.29 -7.17 40.16
CA SER C 500 24.55 -7.85 40.53
C SER C 500 25.19 -7.18 41.74
N LEU C 501 26.05 -7.91 42.48
CA LEU C 501 26.78 -7.31 43.63
C LEU C 501 28.24 -7.75 43.60
N THR C 502 29.19 -6.83 43.78
CA THR C 502 30.62 -7.23 43.89
C THR C 502 30.92 -7.51 45.36
N GLN C 503 30.22 -8.48 45.96
CA GLN C 503 30.38 -8.72 47.42
C GLN C 503 31.71 -9.42 47.75
N ILE C 504 32.42 -9.97 46.76
CA ILE C 504 33.66 -10.74 47.06
C ILE C 504 34.82 -9.78 47.22
N ASN C 505 34.83 -8.98 48.28
CA ASN C 505 35.86 -7.91 48.36
C ASN C 505 37.26 -8.52 48.41
N THR C 506 37.51 -9.49 49.27
CA THR C 506 38.89 -9.99 49.38
C THR C 506 38.95 -11.25 50.24
N THR C 507 40.06 -11.98 50.15
CA THR C 507 40.29 -13.12 51.08
C THR C 507 41.76 -13.03 51.44
N LEU C 508 42.18 -11.89 51.98
CA LEU C 508 43.63 -11.70 52.22
C LEU C 508 44.05 -12.34 53.53
N LEU C 509 44.23 -13.66 53.54
CA LEU C 509 44.78 -14.25 54.79
C LEU C 509 46.13 -13.57 54.93
N ASP C 510 46.42 -13.08 56.13
CA ASP C 510 47.66 -12.29 56.28
C ASP C 510 48.26 -12.60 57.65
N LEU C 511 49.46 -12.10 57.90
CA LEU C 511 50.11 -12.30 59.21
C LEU C 511 50.41 -13.79 59.35
N THR C 512 50.52 -14.49 58.23
CA THR C 512 50.95 -15.91 58.29
C THR C 512 52.44 -15.83 58.61
N TYR C 513 52.98 -14.61 58.61
CA TYR C 513 54.41 -14.36 58.93
C TYR C 513 54.66 -14.79 60.38
N GLU C 514 53.60 -14.95 61.16
CA GLU C 514 53.78 -15.46 62.54
C GLU C 514 54.38 -16.87 62.42
N MET C 515 54.23 -17.52 61.27
CA MET C 515 54.90 -18.83 61.07
C MET C 515 56.40 -18.59 61.17
N LEU C 516 56.89 -17.47 60.67
CA LEU C 516 58.33 -17.14 60.83
C LEU C 516 58.62 -16.94 62.32
N SER C 517 57.70 -16.33 63.06
CA SER C 517 57.91 -16.20 64.53
C SER C 517 57.95 -17.60 65.13
N LEU C 518 57.10 -18.50 64.64
CA LEU C 518 57.14 -19.90 65.11
C LEU C 518 58.49 -20.49 64.72
N GLN C 519 59.00 -20.10 63.55
CA GLN C 519 60.35 -20.57 63.11
C GLN C 519 61.38 -20.06 64.12
N GLN C 520 61.19 -18.84 64.62
CA GLN C 520 62.12 -18.29 65.64
C GLN C 520 62.07 -19.21 66.87
N VAL C 521 60.87 -19.72 67.18
CA VAL C 521 60.74 -20.67 68.31
C VAL C 521 61.58 -21.89 67.98
N VAL C 522 61.54 -22.32 66.72
CA VAL C 522 62.33 -23.50 66.30
C VAL C 522 63.82 -23.18 66.50
N LYS C 523 64.20 -21.94 66.22
CA LYS C 523 65.62 -21.53 66.39
C LYS C 523 66.01 -21.64 67.87
N ALA C 524 65.12 -21.22 68.78
CA ALA C 524 65.39 -21.37 70.22
C ALA C 524 65.47 -22.86 70.56
N LEU C 525 64.59 -23.67 69.97
CA LEU C 525 64.64 -25.13 70.17
C LEU C 525 65.98 -25.64 69.63
N ASN C 526 66.41 -25.12 68.49
CA ASN C 526 67.71 -25.55 67.88
C ASN C 526 68.83 -25.16 68.84
N GLU C 527 68.73 -23.97 69.45
CA GLU C 527 69.74 -23.55 70.45
C GLU C 527 69.69 -24.50 71.65
N SER C 528 68.48 -24.89 72.06
CA SER C 528 68.33 -25.84 73.19
C SER C 528 69.00 -27.17 72.81
N TYR C 529 68.84 -27.60 71.56
CA TYR C 529 69.52 -28.82 71.07
C TYR C 529 71.04 -28.67 71.28
C1 NAG D . -31.71 -0.65 -59.14
C2 NAG D . -31.33 -2.03 -59.64
C3 NAG D . -31.36 -2.00 -61.16
C4 NAG D . -32.67 -1.43 -61.67
C5 NAG D . -33.00 -0.11 -60.99
C6 NAG D . -34.36 0.41 -61.40
C7 NAG D . -29.02 -1.75 -58.73
C8 NAG D . -28.00 -1.40 -59.77
N2 NAG D . -30.06 -2.50 -59.11
O3 NAG D . -31.19 -3.32 -61.67
O4 NAG D . -32.57 -1.22 -63.08
O5 NAG D . -33.02 -0.31 -59.59
O6 NAG D . -34.68 1.53 -60.57
O7 NAG D . -28.90 -1.37 -57.58
C1 NAG E . 9.87 -0.42 -21.61
C2 NAG E . 9.90 1.06 -22.02
C3 NAG E . 11.09 1.41 -22.90
C4 NAG E . 12.37 0.85 -22.33
C5 NAG E . 12.23 -0.65 -22.15
C6 NAG E . 13.49 -1.29 -21.55
C7 NAG E . 7.83 0.65 -23.36
C8 NAG E . 8.19 0.29 -24.77
N2 NAG E . 8.66 1.46 -22.68
O3 NAG E . 11.21 2.83 -22.96
O4 NAG E . 13.44 1.15 -23.21
O5 NAG E . 11.18 -0.90 -21.23
O6 NAG E . 14.60 -1.14 -22.44
O7 NAG E . 6.80 0.22 -22.85
C1 NAG F . 24.24 -3.10 1.49
C2 NAG F . 24.01 -2.76 0.02
C3 NAG F . 24.26 -3.99 -0.86
C4 NAG F . 25.62 -4.56 -0.56
C5 NAG F . 25.68 -4.94 0.91
C6 NAG F . 27.02 -5.55 1.27
C7 NAG F . 22.34 -1.05 -0.31
C8 NAG F . 21.76 -0.62 -1.62
N2 NAG F . 22.65 -2.33 -0.19
O3 NAG F . 24.21 -3.63 -2.24
O4 NAG F . 25.84 -5.71 -1.37
O5 NAG F . 25.50 -3.74 1.67
O6 NAG F . 28.02 -4.54 1.16
O7 NAG F . 22.52 -0.26 0.61
C1 NAG G . 52.74 -44.81 70.91
C2 NAG G . 52.80 -46.06 70.05
C3 NAG G . 51.85 -47.10 70.63
C4 NAG G . 52.22 -47.37 72.09
C5 NAG G . 52.25 -46.06 72.88
C6 NAG G . 52.75 -46.27 74.30
C7 NAG G . 53.34 -45.58 67.73
C8 NAG G . 52.89 -45.87 66.34
N2 NAG G . 52.43 -45.77 68.68
O3 NAG G . 51.94 -48.31 69.88
O4 NAG G . 51.26 -48.27 72.64
O5 NAG G . 53.14 -45.14 72.24
O6 NAG G . 51.84 -47.12 75.04
O7 NAG G . 54.48 -45.20 67.98
C1 NAG H . -9.24 38.32 -59.54
C2 NAG H . -10.00 38.94 -58.38
C3 NAG H . -9.18 40.13 -57.92
C4 NAG H . -7.77 39.69 -57.56
C5 NAG H . -7.13 38.84 -58.66
C6 NAG H . -5.86 38.18 -58.15
C7 NAG H . -12.39 38.61 -58.36
C8 NAG H . -13.12 39.08 -57.14
N2 NAG H . -11.34 39.32 -58.74
O3 NAG H . -9.80 40.76 -56.80
O4 NAG H . -6.96 40.86 -57.36
O5 NAG H . -8.00 37.80 -59.08
O6 NAG H . -6.22 37.09 -57.29
O7 NAG H . -12.75 37.62 -58.98
C1 NAG I . -56.10 19.88 -31.95
C2 NAG I . -57.28 20.08 -31.02
C3 NAG I . -58.56 19.81 -31.79
C4 NAG I . -58.59 20.74 -33.00
C5 NAG I . -57.34 20.55 -33.84
C6 NAG I . -57.33 21.51 -35.01
C7 NAG I . -56.99 19.63 -28.66
C8 NAG I . -56.33 18.66 -27.74
N2 NAG I . -57.24 19.19 -29.88
O3 NAG I . -59.68 20.08 -30.94
O4 NAG I . -59.74 20.46 -33.80
O5 NAG I . -56.18 20.78 -33.04
O6 NAG I . -57.35 22.85 -34.49
O7 NAG I . -57.28 20.76 -28.33
C1 NAG J . -19.26 -13.04 -3.57
C2 NAG J . -20.69 -13.01 -4.09
C3 NAG J . -21.23 -14.42 -4.27
C4 NAG J . -20.25 -15.24 -5.08
C5 NAG J . -18.87 -15.18 -4.44
C6 NAG J . -17.86 -15.98 -5.23
C7 NAG J . -22.01 -12.67 -2.03
C8 NAG J . -23.50 -12.56 -1.84
N2 NAG J . -21.58 -12.25 -3.22
O3 NAG J . -22.49 -14.38 -4.94
O4 NAG J . -20.67 -16.61 -5.13
O5 NAG J . -18.43 -13.83 -4.41
O6 NAG J . -16.59 -15.85 -4.57
O7 NAG J . -21.29 -13.11 -1.15
C1 NAG K . 1.12 -21.61 13.12
C2 NAG K . -0.10 -21.45 12.21
C3 NAG K . -1.35 -21.35 13.05
C4 NAG K . -1.44 -22.53 13.99
C5 NAG K . -0.19 -22.59 14.86
C6 NAG K . -0.24 -23.79 15.78
C7 NAG K . 0.33 -20.32 10.09
C8 NAG K . -0.80 -20.14 9.12
N2 NAG K . 0.01 -20.26 11.38
O3 NAG K . -2.51 -21.36 12.21
O4 NAG K . -2.61 -22.41 14.80
O5 NAG K . 0.95 -22.70 14.03
O6 NAG K . -0.20 -24.98 14.99
O7 NAG K . 1.46 -20.50 9.71
C1 NAG L . 28.16 -30.51 46.07
C2 NAG L . 28.16 -31.85 46.81
C3 NAG L . 28.89 -32.91 46.01
C4 NAG L . 28.35 -32.98 44.58
C5 NAG L . 28.43 -31.60 43.95
C6 NAG L . 27.87 -31.60 42.54
C7 NAG L . 28.10 -31.68 49.24
C8 NAG L . 28.65 -30.79 50.31
N2 NAG L . 28.79 -31.74 48.11
O3 NAG L . 28.71 -34.18 46.64
O4 NAG L . 29.13 -33.92 43.84
O5 NAG L . 27.67 -30.68 44.74
O6 NAG L . 28.70 -32.37 41.66
O7 NAG L . 27.08 -32.34 49.40
C1 NAG M . 51.36 -20.64 81.54
C2 NAG M . 52.51 -19.84 82.13
C3 NAG M . 51.96 -18.96 83.25
C4 NAG M . 50.83 -18.10 82.70
C5 NAG M . 49.77 -18.97 82.02
C6 NAG M . 48.70 -18.08 81.39
C7 NAG M . 54.65 -21.02 82.04
C8 NAG M . 55.90 -21.00 82.87
N2 NAG M . 53.53 -20.70 82.69
O3 NAG M . 53.01 -18.13 83.75
O4 NAG M . 50.23 -17.37 83.77
O5 NAG M . 50.39 -19.76 81.00
O6 NAG M . 49.30 -17.26 80.39
O7 NAG M . 54.67 -21.30 80.85
C1 NAG N . -23.64 39.91 -48.36
C2 NAG N . -22.40 40.50 -49.01
C3 NAG N . -22.74 41.88 -49.53
C4 NAG N . -23.90 41.75 -50.51
C5 NAG N . -25.07 41.02 -49.87
C6 NAG N . -26.13 40.73 -50.92
C7 NAG N . -21.19 40.89 -46.85
C8 NAG N . -20.44 42.17 -46.60
N2 NAG N . -21.23 40.50 -48.13
O3 NAG N . -21.60 42.44 -50.20
O4 NAG N . -24.31 43.07 -50.89
O5 NAG N . -24.65 39.76 -49.35
O6 NAG N . -25.65 39.67 -51.75
O7 NAG N . -21.68 40.26 -45.92
C1 NAG O . -8.40 21.99 2.17
C2 NAG O . -9.19 22.95 1.28
C3 NAG O . -9.38 24.20 2.11
C4 NAG O . -10.19 23.83 3.34
C5 NAG O . -9.52 22.70 4.12
C6 NAG O . -10.45 22.17 5.19
C7 NAG O . -8.89 22.59 -1.07
C8 NAG O . -8.49 23.25 -2.36
N2 NAG O . -8.52 23.22 0.03
O3 NAG O . -10.06 25.20 1.34
O4 NAG O . -10.33 24.96 4.19
O5 NAG O . -9.20 21.60 3.27
O6 NAG O . -11.43 21.34 4.55
O7 NAG O . -9.53 21.55 -1.05
C1 NAG P . 4.40 8.78 23.24
C2 NAG P . 3.48 9.63 22.36
C3 NAG P . 4.21 10.91 21.95
C4 NAG P . 4.73 11.61 23.18
C5 NAG P . 5.64 10.67 23.96
C6 NAG P . 6.21 11.34 25.19
C7 NAG P . 1.82 8.78 20.80
C8 NAG P . 0.94 7.98 21.71
N2 NAG P . 3.09 8.90 21.17
O3 NAG P . 3.32 11.78 21.25
O4 NAG P . 5.44 12.79 22.80
O5 NAG P . 4.89 9.53 24.35
O6 NAG P . 7.11 10.43 25.83
O7 NAG P . 1.37 9.29 19.79
C1 NAG Q . 70.71 -27.16 65.46
C2 NAG Q . 72.06 -27.07 66.16
C3 NAG Q . 73.14 -27.73 65.31
C4 NAG Q . 72.71 -29.11 64.87
C5 NAG Q . 71.36 -29.03 64.18
C6 NAG Q . 70.88 -30.39 63.69
C7 NAG Q . 72.45 -25.11 67.55
C8 NAG Q . 72.17 -23.63 67.54
N2 NAG Q . 72.44 -25.69 66.35
O3 NAG Q . 74.35 -27.83 66.08
O4 NAG Q . 73.67 -29.65 63.96
O5 NAG Q . 70.41 -28.51 65.10
O6 NAG Q . 70.54 -31.19 64.83
O7 NAG Q . 72.67 -25.72 68.57
C1 NAG R . -38.23 38.77 -17.64
C2 NAG R . -37.60 40.16 -17.79
C3 NAG R . -37.59 40.91 -16.45
C4 NAG R . -38.95 40.85 -15.80
C5 NAG R . -39.44 39.41 -15.72
C6 NAG R . -40.83 39.39 -15.09
C7 NAG R . -35.29 40.91 -18.43
C8 NAG R . -33.94 40.46 -17.95
N2 NAG R . -36.25 39.99 -18.33
O3 NAG R . -37.28 42.30 -16.64
O4 NAG R . -38.87 41.40 -14.49
O5 NAG R . -39.51 38.89 -17.03
O6 NAG R . -41.62 40.39 -15.75
O7 NAG R . -35.48 42.02 -18.89
C1 NAG S . -56.93 35.99 -23.10
C2 NAG S . -58.05 35.31 -23.87
C3 NAG S . -59.10 34.79 -22.89
C4 NAG S . -58.45 33.95 -21.81
C5 NAG S . -57.35 34.77 -21.15
C6 NAG S . -56.70 34.01 -19.99
C7 NAG S . -58.69 36.01 -26.09
C8 NAG S . -60.02 36.12 -26.76
N2 NAG S . -58.68 36.25 -24.78
O3 NAG S . -60.06 33.99 -23.60
O4 NAG S . -59.42 33.56 -20.84
O5 NAG S . -56.39 35.08 -22.14
O6 NAG S . -55.84 34.91 -19.28
O7 NAG S . -57.68 35.72 -26.71
#